data_1ZG7
#
_entry.id   1ZG7
#
_cell.length_a   67.504
_cell.length_b   100.369
_cell.length_c   136.004
_cell.angle_alpha   90.00
_cell.angle_beta   90.00
_cell.angle_gamma   90.00
#
_symmetry.space_group_name_H-M   'P 21 21 21'
#
loop_
_entity.id
_entity.type
_entity.pdbx_description
1 polymer 'procarboxypeptidase B'
2 non-polymer 'ZINC ION'
3 non-polymer '2-(5-{[AMINO(IMINO)METHYL]AMINO}-2-CHLOROPHENYL)-3-SULFANYLPROPANOIC ACID'
4 water water
#
_entity_poly.entity_id   1
_entity_poly.type   'polypeptide(L)'
_entity_poly.pdbx_seq_one_letter_code
;TTGHSYEKYNNWETIEAWTKQVTSENPDLISRTAIGTTFLGNNIYLLKVGKPGPNKPAIFMDCGFHAREWISHAFCQWFV
REAVLTYGYESHMTEFLNKLDFYVLPVLNIDGYIYTWTKNRMWRKTRSTNAGTTCIGTDPNRNFDAGWCTTGASTDPCDE
TYCGSAAESEKETKALADFIRNNLSSIKAYLTIHSYSQMILYPYSYDYKLPENNAELNNLAKAAVKELATLYGTKYTYGP
GATTIYPAAGGSDDWAYDQGIKYSFTFELRDKGRYGFILPESQIQATCEETMLAIKYVTNYVLGHL
;
_entity_poly.pdbx_strand_id   A,B,C
#
loop_
_chem_comp.id
_chem_comp.type
_chem_comp.name
_chem_comp.formula
P20 non-polymer '2-(5-{[AMINO(IMINO)METHYL]AMINO}-2-CHLOROPHENYL)-3-SULFANYLPROPANOIC ACID' 'C10 H12 Cl N3 O2 S'
ZN non-polymer 'ZINC ION' 'Zn 2'
#
# COMPACT_ATOMS: atom_id res chain seq x y z
N THR A 2 7.11 17.47 28.89
CA THR A 2 8.50 17.64 29.31
C THR A 2 8.72 17.73 30.83
N GLY A 3 7.66 17.85 31.62
CA GLY A 3 7.82 17.90 33.07
C GLY A 3 8.31 16.57 33.63
N HIS A 4 9.34 16.61 34.48
CA HIS A 4 9.91 15.40 35.08
C HIS A 4 9.07 14.71 36.14
N SER A 5 9.05 13.38 36.09
CA SER A 5 8.32 12.58 37.09
C SER A 5 9.15 11.34 37.36
N TYR A 6 9.16 10.89 38.61
CA TYR A 6 9.92 9.70 39.00
C TYR A 6 9.12 8.41 38.77
N GLU A 7 7.81 8.56 38.54
CA GLU A 7 6.91 7.43 38.26
C GLU A 7 6.50 7.38 36.78
N LYS A 8 7.27 8.06 35.94
CA LYS A 8 7.03 8.06 34.50
C LYS A 8 8.37 7.98 33.77
N TYR A 9 8.33 7.47 32.54
CA TYR A 9 9.53 7.39 31.72
C TYR A 9 9.68 8.77 31.13
N ASN A 10 10.86 9.36 31.32
CA ASN A 10 11.19 10.72 30.86
C ASN A 10 12.05 10.76 29.58
N ASN A 11 11.72 11.64 28.63
CA ASN A 11 12.53 11.73 27.41
C ASN A 11 13.86 12.42 27.71
N TRP A 12 14.83 12.38 26.79
CA TRP A 12 16.11 13.00 27.06
C TRP A 12 16.09 14.48 27.43
N GLU A 13 15.29 15.30 26.77
CA GLU A 13 15.21 16.75 27.10
C GLU A 13 14.87 16.96 28.58
N THR A 14 13.94 16.14 29.07
CA THR A 14 13.50 16.16 30.46
C THR A 14 14.60 15.64 31.39
N ILE A 15 15.24 14.51 31.04
CA ILE A 15 16.31 13.96 31.86
C ILE A 15 17.47 14.96 31.97
N GLU A 16 17.83 15.62 30.87
CA GLU A 16 18.92 16.60 30.86
C GLU A 16 18.56 17.78 31.77
N ALA A 17 17.34 18.29 31.64
CA ALA A 17 16.87 19.41 32.46
C ALA A 17 16.85 18.98 33.95
N TRP A 18 16.53 17.70 34.18
CA TRP A 18 16.49 17.14 35.52
C TRP A 18 17.91 17.10 36.12
N THR A 19 18.90 16.62 35.37
CA THR A 19 20.29 16.53 35.87
C THR A 19 20.75 17.93 36.36
N LYS A 20 20.33 18.96 35.63
CA LYS A 20 20.69 20.34 35.95
C LYS A 20 19.97 20.87 37.21
N GLN A 21 18.68 20.55 37.32
CA GLN A 21 17.87 21.01 38.44
C GLN A 21 18.20 20.27 39.71
N VAL A 22 18.27 18.95 39.64
CA VAL A 22 18.57 18.15 40.83
C VAL A 22 19.95 18.59 41.36
N THR A 23 20.88 18.92 40.47
CA THR A 23 22.22 19.35 40.93
C THR A 23 22.11 20.75 41.57
N SER A 24 21.23 21.58 41.00
CA SER A 24 21.03 22.93 41.52
C SER A 24 20.37 22.86 42.89
N GLU A 25 19.49 21.90 43.08
CA GLU A 25 18.82 21.81 44.36
C GLU A 25 19.60 21.14 45.48
N ASN A 26 20.68 20.45 45.15
CA ASN A 26 21.49 19.75 46.14
C ASN A 26 22.98 19.92 45.92
N PRO A 27 23.47 21.18 45.93
CA PRO A 27 24.90 21.44 45.71
C PRO A 27 25.87 20.80 46.70
N ASP A 28 25.37 20.48 47.88
CA ASP A 28 26.16 19.86 48.93
C ASP A 28 26.25 18.32 48.82
N LEU A 29 25.45 17.75 47.92
CA LEU A 29 25.37 16.32 47.74
C LEU A 29 25.59 15.87 46.29
N ILE A 30 25.42 16.77 45.34
CA ILE A 30 25.58 16.41 43.94
C ILE A 30 26.35 17.44 43.14
N SER A 31 27.18 16.95 42.21
CA SER A 31 27.91 17.81 41.31
C SER A 31 27.76 17.13 39.94
N ARG A 32 27.47 17.93 38.92
CA ARG A 32 27.26 17.39 37.59
C ARG A 32 28.47 17.67 36.72
N THR A 33 28.71 16.74 35.82
CA THR A 33 29.82 16.83 34.90
C THR A 33 29.46 16.08 33.61
N ALA A 34 30.19 16.33 32.52
CA ALA A 34 29.95 15.64 31.26
C ALA A 34 31.23 14.86 31.02
N ILE A 35 31.12 13.58 30.71
CA ILE A 35 32.33 12.79 30.46
C ILE A 35 32.64 12.59 28.96
N GLY A 36 31.78 13.11 28.12
CA GLY A 36 32.02 12.98 26.71
C GLY A 36 30.81 13.45 25.99
N THR A 37 30.81 13.17 24.70
CA THR A 37 29.74 13.58 23.84
C THR A 37 29.38 12.34 23.01
N THR A 38 28.12 12.19 22.65
CA THR A 38 27.69 11.04 21.86
C THR A 38 27.98 11.29 20.38
N PHE A 39 27.65 10.29 19.55
CA PHE A 39 27.85 10.41 18.12
C PHE A 39 27.05 11.60 17.57
N LEU A 40 25.84 11.81 18.08
CA LEU A 40 25.01 12.91 17.60
C LEU A 40 25.14 14.21 18.39
N GLY A 41 26.14 14.30 19.26
CA GLY A 41 26.37 15.53 19.98
C GLY A 41 25.69 15.80 21.30
N ASN A 42 25.08 14.78 21.87
CA ASN A 42 24.42 14.95 23.16
C ASN A 42 25.47 14.83 24.28
N ASN A 43 25.26 15.52 25.40
CA ASN A 43 26.24 15.48 26.49
C ASN A 43 26.03 14.32 27.46
N ILE A 44 27.05 13.49 27.63
CA ILE A 44 26.96 12.35 28.54
C ILE A 44 27.21 12.80 29.99
N TYR A 45 26.13 13.16 30.68
CA TYR A 45 26.23 13.64 32.05
C TYR A 45 26.57 12.55 33.06
N LEU A 46 27.22 12.98 34.11
CA LEU A 46 27.62 12.11 35.19
C LEU A 46 27.37 12.91 36.46
N LEU A 47 26.65 12.30 37.39
CA LEU A 47 26.35 12.94 38.66
C LEU A 47 27.22 12.31 39.72
N LYS A 48 27.90 13.13 40.50
CA LYS A 48 28.72 12.65 41.59
C LYS A 48 27.93 12.90 42.87
N VAL A 49 27.34 11.83 43.40
CA VAL A 49 26.49 11.87 44.58
C VAL A 49 27.21 11.47 45.86
N GLY A 50 27.33 12.42 46.79
CA GLY A 50 27.99 12.18 48.06
C GLY A 50 28.43 13.48 48.72
N LYS A 51 28.74 13.43 50.02
CA LYS A 51 29.22 14.60 50.74
C LYS A 51 30.70 14.75 50.34
N PRO A 52 31.09 15.90 49.77
CA PRO A 52 32.49 16.08 49.36
C PRO A 52 33.50 15.90 50.49
N GLY A 53 34.68 15.37 50.16
CA GLY A 53 35.68 15.17 51.17
C GLY A 53 36.94 14.73 50.49
N PRO A 54 38.07 14.69 51.21
CA PRO A 54 39.32 14.27 50.58
C PRO A 54 39.43 12.75 50.33
N ASN A 55 39.88 12.42 49.12
CA ASN A 55 40.15 11.04 48.70
C ASN A 55 39.14 9.95 49.10
N LYS A 56 37.86 10.14 48.82
CA LYS A 56 36.86 9.15 49.16
C LYS A 56 36.78 8.04 48.10
N PRO A 57 36.46 6.82 48.52
CA PRO A 57 36.36 5.74 47.52
C PRO A 57 35.04 6.01 46.78
N ALA A 58 34.76 5.24 45.74
CA ALA A 58 33.54 5.43 44.96
C ALA A 58 32.95 4.15 44.41
N ILE A 59 31.67 4.24 44.10
CA ILE A 59 30.96 3.15 43.48
C ILE A 59 30.47 3.78 42.18
N PHE A 60 30.69 3.09 41.06
CA PHE A 60 30.22 3.57 39.78
C PHE A 60 29.00 2.82 39.30
N MET A 61 27.95 3.56 38.94
CA MET A 61 26.70 2.98 38.47
C MET A 61 26.16 3.70 37.24
N ASP A 62 25.99 2.95 36.15
CA ASP A 62 25.43 3.52 34.93
C ASP A 62 24.07 2.92 34.56
N CYS A 63 23.30 3.69 33.81
CA CYS A 63 22.00 3.22 33.33
C CYS A 63 21.94 3.58 31.85
N GLY A 64 20.93 3.03 31.18
CA GLY A 64 20.73 3.34 29.79
C GLY A 64 21.77 2.94 28.75
N PHE A 65 22.43 1.79 28.95
CA PHE A 65 23.41 1.29 27.97
C PHE A 65 22.60 0.97 26.72
N HIS A 66 21.48 0.26 26.93
CA HIS A 66 20.60 -0.15 25.85
C HIS A 66 19.33 0.69 25.81
N ALA A 67 19.09 1.32 24.67
CA ALA A 67 17.98 2.26 24.48
C ALA A 67 16.56 1.85 24.92
N ARG A 68 16.18 0.60 24.59
CA ARG A 68 14.84 0.12 24.91
C ARG A 68 14.55 -0.25 26.35
N GLU A 69 15.61 -0.34 27.15
CA GLU A 69 15.51 -0.75 28.55
C GLU A 69 15.16 0.44 29.47
N TRP A 70 14.00 1.02 29.19
CA TRP A 70 13.51 2.19 29.90
C TRP A 70 13.52 2.15 31.41
N ILE A 71 13.26 0.99 32.01
CA ILE A 71 13.26 0.88 33.47
C ILE A 71 14.65 1.19 34.07
N SER A 72 15.68 0.90 33.27
CA SER A 72 17.07 1.17 33.66
C SER A 72 17.30 2.67 33.89
N HIS A 73 16.90 3.49 32.92
CA HIS A 73 17.05 4.94 32.97
C HIS A 73 16.29 5.45 34.16
N ALA A 74 15.09 4.91 34.35
CA ALA A 74 14.23 5.31 35.46
C ALA A 74 14.89 5.04 36.80
N PHE A 75 15.58 3.91 36.94
CA PHE A 75 16.20 3.60 38.18
C PHE A 75 17.30 4.56 38.61
N CYS A 76 18.20 4.95 37.71
CA CYS A 76 19.24 5.93 38.05
C CYS A 76 18.63 7.22 38.64
N GLN A 77 17.54 7.70 38.05
CA GLN A 77 16.86 8.90 38.51
C GLN A 77 16.28 8.67 39.91
N TRP A 78 15.61 7.53 40.09
CA TRP A 78 15.02 7.16 41.37
C TRP A 78 16.10 7.13 42.46
N PHE A 79 17.23 6.50 42.14
CA PHE A 79 18.33 6.37 43.07
C PHE A 79 18.79 7.73 43.57
N VAL A 80 18.97 8.68 42.65
CA VAL A 80 19.43 10.00 43.06
C VAL A 80 18.47 10.73 44.02
N ARG A 81 17.16 10.70 43.75
CA ARG A 81 16.24 11.38 44.65
C ARG A 81 16.29 10.70 46.00
N GLU A 82 16.29 9.38 45.98
CA GLU A 82 16.34 8.57 47.19
C GLU A 82 17.54 9.02 48.05
N ALA A 83 18.69 9.12 47.41
CA ALA A 83 19.90 9.53 48.07
C ALA A 83 19.76 10.89 48.78
N VAL A 84 19.37 11.93 48.06
CA VAL A 84 19.27 13.25 48.67
C VAL A 84 18.11 13.40 49.65
N LEU A 85 17.04 12.67 49.41
CA LEU A 85 15.88 12.76 50.26
C LEU A 85 16.09 12.08 51.62
N THR A 86 16.88 11.02 51.66
CA THR A 86 17.08 10.30 52.92
C THR A 86 18.34 10.59 53.68
N TYR A 87 19.26 11.33 53.06
CA TYR A 87 20.52 11.64 53.72
C TYR A 87 20.22 12.47 54.98
N GLY A 88 20.72 11.99 56.12
CA GLY A 88 20.49 12.68 57.38
C GLY A 88 19.39 12.01 58.18
N TYR A 89 18.57 11.21 57.52
CA TYR A 89 17.45 10.53 58.20
C TYR A 89 17.56 9.03 58.27
N GLU A 90 18.04 8.40 57.21
CA GLU A 90 18.19 6.96 57.21
C GLU A 90 19.70 6.76 57.43
N SER A 91 20.06 6.01 58.48
CA SER A 91 21.46 5.80 58.86
C SER A 91 22.36 5.22 57.79
N HIS A 92 21.93 4.16 57.12
CA HIS A 92 22.75 3.56 56.09
C HIS A 92 23.07 4.51 54.97
N MET A 93 22.07 5.17 54.41
CA MET A 93 22.30 6.08 53.29
C MET A 93 23.14 7.28 53.71
N THR A 94 22.95 7.70 54.96
CA THR A 94 23.69 8.81 55.53
C THR A 94 25.19 8.42 55.55
N GLU A 95 25.46 7.24 56.08
CA GLU A 95 26.81 6.72 56.18
C GLU A 95 27.46 6.50 54.80
N PHE A 96 26.70 6.00 53.81
CA PHE A 96 27.24 5.77 52.44
C PHE A 96 27.74 7.09 51.84
N LEU A 97 26.87 8.11 51.85
CA LEU A 97 27.16 9.43 51.30
C LEU A 97 28.30 10.14 52.02
N ASN A 98 28.45 9.88 53.31
CA ASN A 98 29.54 10.46 54.08
C ASN A 98 30.89 9.80 53.72
N LYS A 99 30.89 8.48 53.64
CA LYS A 99 32.08 7.69 53.35
C LYS A 99 32.53 7.52 51.90
N LEU A 100 31.59 7.49 50.95
CA LEU A 100 31.93 7.31 49.55
C LEU A 100 31.10 8.18 48.61
N ASP A 101 31.51 8.23 47.35
CA ASP A 101 30.78 8.94 46.33
C ASP A 101 30.16 7.95 45.37
N PHE A 102 28.96 8.27 44.91
CA PHE A 102 28.24 7.45 43.94
C PHE A 102 28.37 8.17 42.60
N TYR A 103 29.01 7.55 41.62
CA TYR A 103 29.10 8.11 40.28
C TYR A 103 27.93 7.54 39.53
N VAL A 104 26.92 8.34 39.28
CA VAL A 104 25.70 7.91 38.59
C VAL A 104 25.65 8.43 37.17
N LEU A 105 25.68 7.52 36.20
CA LEU A 105 25.59 7.91 34.81
C LEU A 105 24.14 7.57 34.42
N PRO A 106 23.28 8.58 34.39
CA PRO A 106 21.85 8.44 34.07
C PRO A 106 21.52 7.74 32.77
N VAL A 107 22.14 8.18 31.67
CA VAL A 107 21.88 7.59 30.36
C VAL A 107 23.17 7.57 29.57
N LEU A 108 23.66 6.39 29.22
CA LEU A 108 24.90 6.28 28.45
C LEU A 108 24.63 6.49 26.98
N ASN A 109 23.75 5.63 26.47
CA ASN A 109 23.36 5.62 25.06
C ASN A 109 22.23 6.61 24.86
N ILE A 110 22.55 7.90 24.91
CA ILE A 110 21.55 8.95 24.73
C ILE A 110 20.91 8.93 23.34
N ASP A 111 21.72 8.84 22.29
CA ASP A 111 21.22 8.81 20.91
C ASP A 111 20.22 7.69 20.68
N GLY A 112 20.56 6.48 21.12
CA GLY A 112 19.64 5.36 21.01
C GLY A 112 18.37 5.58 21.80
N TYR A 113 18.48 6.20 22.98
CA TYR A 113 17.30 6.45 23.82
C TYR A 113 16.33 7.39 23.12
N ILE A 114 16.87 8.46 22.52
CA ILE A 114 16.05 9.42 21.78
C ILE A 114 15.31 8.69 20.66
N TYR A 115 16.03 7.81 19.96
CA TYR A 115 15.45 7.02 18.87
C TYR A 115 14.26 6.13 19.32
N THR A 116 14.30 5.60 20.53
CA THR A 116 13.19 4.79 21.03
C THR A 116 11.98 5.67 21.33
N TRP A 117 12.23 6.96 21.52
CA TRP A 117 11.17 7.91 21.82
C TRP A 117 10.54 8.45 20.53
N THR A 118 11.33 8.51 19.47
CA THR A 118 10.85 9.06 18.23
C THR A 118 10.54 8.13 17.06
N LYS A 119 11.32 7.06 16.88
CA LYS A 119 11.07 6.17 15.74
C LYS A 119 10.91 4.70 16.01
N ASN A 120 11.72 4.15 16.91
CA ASN A 120 11.69 2.72 17.18
C ASN A 120 11.88 2.39 18.67
N ARG A 121 10.76 2.09 19.32
CA ARG A 121 10.71 1.75 20.75
C ARG A 121 11.60 0.58 21.15
N MET A 122 11.87 -0.30 20.19
CA MET A 122 12.69 -1.49 20.42
C MET A 122 14.16 -1.36 20.03
N TRP A 123 14.62 -0.14 19.76
CA TRP A 123 16.02 0.08 19.41
C TRP A 123 16.87 -0.28 20.64
N ARG A 124 18.08 -0.80 20.39
CA ARG A 124 19.01 -1.25 21.43
C ARG A 124 20.37 -0.58 21.32
N LYS A 125 20.91 -0.58 20.12
CA LYS A 125 22.24 -0.08 19.85
C LYS A 125 22.40 1.44 19.90
N THR A 126 23.59 1.90 19.54
CA THR A 126 23.89 3.32 19.44
C THR A 126 23.30 3.75 18.08
N ARG A 127 23.54 4.98 17.67
CA ARG A 127 23.04 5.45 16.40
C ARG A 127 24.13 5.92 15.45
N SER A 128 25.34 5.37 15.58
CA SER A 128 26.41 5.78 14.68
C SER A 128 26.32 5.11 13.32
N THR A 129 26.89 5.77 12.32
CA THR A 129 26.88 5.22 10.98
C THR A 129 28.02 4.19 10.87
N ASN A 130 27.89 3.25 9.93
CA ASN A 130 28.88 2.22 9.72
C ASN A 130 29.31 2.25 8.27
N ALA A 131 30.61 2.19 8.05
CA ALA A 131 31.15 2.23 6.70
C ALA A 131 30.63 1.08 5.85
N GLY A 132 30.42 1.39 4.58
CA GLY A 132 29.96 0.42 3.63
C GLY A 132 28.61 -0.18 3.86
N THR A 133 27.68 0.54 4.49
CA THR A 133 26.33 0.01 4.74
C THR A 133 25.40 1.09 5.29
N THR A 134 24.09 0.89 5.11
CA THR A 134 23.05 1.79 5.63
C THR A 134 22.68 1.45 7.08
N CYS A 135 23.03 0.22 7.48
CA CYS A 135 22.79 -0.28 8.83
C CYS A 135 23.47 0.64 9.84
N ILE A 136 22.71 0.98 10.88
CA ILE A 136 23.11 1.93 11.92
C ILE A 136 23.35 1.27 13.27
N GLY A 137 24.34 1.79 14.00
CA GLY A 137 24.65 1.33 15.35
C GLY A 137 25.51 0.14 15.70
N THR A 138 26.06 0.23 16.90
CA THR A 138 26.93 -0.77 17.51
C THR A 138 26.31 -1.08 18.86
N ASP A 139 26.38 -2.33 19.28
CA ASP A 139 25.86 -2.71 20.59
C ASP A 139 26.92 -2.19 21.57
N PRO A 140 26.58 -1.19 22.41
CA PRO A 140 27.59 -0.67 23.35
C PRO A 140 28.15 -1.75 24.30
N ASN A 141 27.31 -2.73 24.64
CA ASN A 141 27.75 -3.80 25.53
C ASN A 141 28.50 -4.94 24.87
N ARG A 142 28.97 -4.70 23.66
CA ARG A 142 29.80 -5.64 22.91
C ARG A 142 30.99 -4.83 22.35
N ASN A 143 31.15 -3.59 22.82
CA ASN A 143 32.19 -2.72 22.29
C ASN A 143 33.38 -2.47 23.24
N PHE A 144 33.41 -3.18 24.38
CA PHE A 144 34.52 -3.02 25.32
C PHE A 144 35.66 -4.01 25.08
N ASP A 145 36.86 -3.63 25.47
CA ASP A 145 38.04 -4.44 25.27
C ASP A 145 38.18 -5.57 26.29
N ALA A 146 37.23 -6.50 26.25
CA ALA A 146 37.22 -7.67 27.11
C ALA A 146 36.93 -8.84 26.16
N GLY A 147 38.01 -9.43 25.63
CA GLY A 147 37.89 -10.54 24.67
C GLY A 147 37.05 -10.03 23.51
N TRP A 148 37.24 -8.77 23.17
CA TRP A 148 36.48 -8.09 22.13
C TRP A 148 36.09 -8.90 20.90
N CYS A 149 34.78 -8.95 20.70
CA CYS A 149 34.16 -9.61 19.57
C CYS A 149 34.53 -11.06 19.28
N THR A 150 34.93 -11.82 20.30
CA THR A 150 35.30 -13.21 20.11
C THR A 150 34.11 -14.14 20.19
N THR A 151 33.05 -13.70 20.85
CA THR A 151 31.87 -14.53 21.02
C THR A 151 30.68 -13.71 21.45
N GLY A 152 29.50 -14.25 21.22
CA GLY A 152 28.25 -13.57 21.60
C GLY A 152 28.04 -12.24 20.90
N ALA A 153 28.92 -11.95 19.94
CA ALA A 153 28.85 -10.70 19.19
C ALA A 153 28.99 -10.98 17.68
N SER A 154 28.23 -10.22 16.92
CA SER A 154 28.17 -10.28 15.46
C SER A 154 29.15 -9.27 14.88
N THR A 155 29.70 -9.59 13.71
CA THR A 155 30.64 -8.71 13.01
C THR A 155 29.90 -7.92 11.93
N ASP A 156 28.59 -8.15 11.87
CA ASP A 156 27.72 -7.48 10.90
C ASP A 156 27.01 -6.31 11.59
N PRO A 157 27.22 -5.08 11.07
CA PRO A 157 26.60 -3.88 11.61
C PRO A 157 25.09 -3.87 11.53
N CYS A 158 24.52 -4.79 10.75
CA CYS A 158 23.07 -4.88 10.59
C CYS A 158 22.42 -5.67 11.72
N ASP A 159 23.26 -6.30 12.53
CA ASP A 159 22.80 -7.10 13.65
C ASP A 159 22.74 -6.31 14.96
N GLU A 160 21.79 -6.68 15.81
CA GLU A 160 21.57 -6.01 17.10
C GLU A 160 22.71 -6.13 18.11
N THR A 161 23.56 -7.14 17.95
CA THR A 161 24.70 -7.34 18.86
C THR A 161 26.04 -7.01 18.20
N TYR A 162 25.98 -6.20 17.14
CA TYR A 162 27.19 -5.78 16.42
C TYR A 162 28.27 -5.32 17.44
N CYS A 163 29.47 -5.88 17.33
CA CYS A 163 30.57 -5.56 18.25
C CYS A 163 31.31 -4.28 17.91
N GLY A 164 31.08 -3.77 16.70
CA GLY A 164 31.72 -2.54 16.29
C GLY A 164 32.91 -2.73 15.37
N SER A 165 33.45 -1.64 14.86
CA SER A 165 34.61 -1.70 13.97
C SER A 165 35.86 -2.03 14.80
N ALA A 166 35.82 -1.66 16.08
CA ALA A 166 36.93 -1.92 17.00
C ALA A 166 36.46 -1.68 18.42
N ALA A 167 37.19 -2.22 19.39
CA ALA A 167 36.85 -2.04 20.78
C ALA A 167 36.93 -0.55 21.07
N GLU A 168 35.86 0.01 21.64
CA GLU A 168 35.79 1.44 21.99
C GLU A 168 35.64 2.35 20.80
N SER A 169 35.09 1.79 19.73
CA SER A 169 34.85 2.50 18.51
C SER A 169 33.79 3.57 18.76
N GLU A 170 32.87 3.31 19.69
CA GLU A 170 31.82 4.27 20.01
C GLU A 170 32.31 5.35 20.98
N LYS A 171 31.97 6.59 20.70
CA LYS A 171 32.38 7.67 21.59
C LYS A 171 31.90 7.42 23.01
N GLU A 172 30.71 6.85 23.13
CA GLU A 172 30.07 6.57 24.43
C GLU A 172 30.87 5.63 25.30
N THR A 173 31.29 4.52 24.70
CA THR A 173 32.05 3.50 25.40
C THR A 173 33.48 3.98 25.63
N LYS A 174 34.02 4.74 24.69
CA LYS A 174 35.37 5.28 24.84
C LYS A 174 35.36 6.29 25.99
N ALA A 175 34.28 7.07 26.08
CA ALA A 175 34.16 8.08 27.14
C ALA A 175 33.99 7.41 28.51
N LEU A 176 33.24 6.32 28.54
CA LEU A 176 33.03 5.60 29.79
C LEU A 176 34.34 4.92 30.21
N ALA A 177 35.01 4.22 29.28
CA ALA A 177 36.29 3.54 29.57
C ALA A 177 37.34 4.54 30.06
N ASP A 178 37.39 5.69 29.40
CA ASP A 178 38.31 6.76 29.75
C ASP A 178 38.08 7.27 31.18
N PHE A 179 36.84 7.61 31.51
CA PHE A 179 36.54 8.08 32.85
C PHE A 179 37.00 7.08 33.87
N ILE A 180 36.57 5.84 33.69
CA ILE A 180 36.94 4.78 34.63
C ILE A 180 38.46 4.60 34.72
N ARG A 181 39.12 4.58 33.57
CA ARG A 181 40.57 4.44 33.54
C ARG A 181 41.22 5.58 34.30
N ASN A 182 40.58 6.74 34.29
CA ASN A 182 41.12 7.91 35.00
C ASN A 182 40.76 7.97 36.49
N ASN A 183 39.96 7.02 36.96
CA ASN A 183 39.56 7.04 38.36
C ASN A 183 39.65 5.69 39.02
N LEU A 184 40.52 4.84 38.49
CA LEU A 184 40.68 3.47 39.02
C LEU A 184 40.98 3.38 40.50
N SER A 185 41.73 4.37 41.01
CA SER A 185 42.12 4.40 42.41
C SER A 185 40.95 4.56 43.40
N SER A 186 39.86 5.17 42.96
CA SER A 186 38.73 5.37 43.86
C SER A 186 37.58 4.39 43.63
N ILE A 187 37.36 4.01 42.38
CA ILE A 187 36.27 3.10 42.05
C ILE A 187 36.49 1.70 42.58
N LYS A 188 35.63 1.32 43.53
CA LYS A 188 35.66 0.02 44.20
C LYS A 188 34.65 -1.00 43.63
N ALA A 189 33.54 -0.51 43.09
CA ALA A 189 32.53 -1.39 42.51
C ALA A 189 31.94 -0.77 41.26
N TYR A 190 31.51 -1.63 40.33
CA TYR A 190 30.90 -1.24 39.05
C TYR A 190 29.55 -1.92 38.91
N LEU A 191 28.51 -1.11 38.77
CA LEU A 191 27.15 -1.60 38.65
C LEU A 191 26.57 -1.06 37.36
N THR A 192 26.12 -1.96 36.49
CA THR A 192 25.57 -1.52 35.24
C THR A 192 24.15 -2.04 35.20
N ILE A 193 23.20 -1.12 35.05
CA ILE A 193 21.76 -1.43 35.06
C ILE A 193 21.09 -1.72 33.70
N HIS A 194 20.41 -2.86 33.61
CA HIS A 194 19.70 -3.32 32.40
C HIS A 194 18.30 -3.89 32.74
N SER A 195 17.59 -4.30 31.69
CA SER A 195 16.30 -4.97 31.81
C SER A 195 16.16 -5.80 30.53
N TYR A 196 15.37 -6.89 30.58
CA TYR A 196 14.63 -7.37 31.76
C TYR A 196 15.08 -8.83 31.96
N SER A 197 14.59 -9.51 33.00
CA SER A 197 14.90 -10.92 33.31
C SER A 197 14.93 -11.22 34.79
N GLN A 198 15.18 -10.20 35.61
CA GLN A 198 15.27 -10.33 37.07
C GLN A 198 16.48 -11.18 37.46
N MET A 199 17.67 -10.62 37.27
CA MET A 199 18.91 -11.32 37.54
C MET A 199 20.04 -10.41 37.97
N ILE A 200 21.02 -11.00 38.67
CA ILE A 200 22.24 -10.31 39.06
C ILE A 200 23.41 -11.18 38.54
N LEU A 201 24.17 -10.66 37.58
CA LEU A 201 25.29 -11.39 36.99
C LEU A 201 26.65 -10.77 37.27
N TYR A 202 27.67 -11.61 37.35
CA TYR A 202 29.02 -11.11 37.58
C TYR A 202 29.89 -11.82 36.56
N PRO A 203 31.15 -11.36 36.37
CA PRO A 203 32.09 -11.96 35.40
C PRO A 203 32.30 -13.48 35.55
N TYR A 204 32.65 -14.17 34.46
CA TYR A 204 32.86 -13.59 33.14
C TYR A 204 31.79 -14.00 32.14
N SER A 205 31.67 -13.21 31.09
CA SER A 205 30.76 -13.51 30.00
C SER A 205 31.56 -13.82 28.74
N TYR A 206 32.73 -13.20 28.58
CA TYR A 206 33.55 -13.43 27.38
C TYR A 206 34.26 -14.78 27.42
N ASP A 207 34.21 -15.44 28.59
CA ASP A 207 34.86 -16.71 28.76
C ASP A 207 34.24 -17.48 29.90
N TYR A 208 34.36 -18.80 29.84
CA TYR A 208 33.82 -19.66 30.88
C TYR A 208 34.70 -19.69 32.14
N LYS A 209 35.86 -19.05 32.06
CA LYS A 209 36.75 -18.98 33.21
C LYS A 209 36.03 -18.12 34.24
N LEU A 210 36.30 -18.41 35.50
CA LEU A 210 35.68 -17.71 36.62
C LEU A 210 36.64 -16.70 37.24
N PRO A 211 36.09 -15.60 37.81
CA PRO A 211 36.91 -14.57 38.45
C PRO A 211 37.49 -15.11 39.79
N GLU A 212 38.64 -14.59 40.18
CA GLU A 212 39.33 -14.99 41.40
C GLU A 212 38.42 -15.09 42.61
N ASN A 213 37.59 -14.06 42.79
CA ASN A 213 36.68 -13.97 43.93
C ASN A 213 35.28 -14.37 43.61
N ASN A 214 35.12 -15.26 42.63
CA ASN A 214 33.79 -15.69 42.23
C ASN A 214 32.93 -16.25 43.39
N ALA A 215 33.54 -16.89 44.38
CA ALA A 215 32.76 -17.40 45.50
C ALA A 215 32.20 -16.24 46.31
N GLU A 216 33.02 -15.21 46.50
CA GLU A 216 32.61 -14.02 47.24
C GLU A 216 31.52 -13.29 46.43
N LEU A 217 31.71 -13.21 45.12
CA LEU A 217 30.71 -12.57 44.26
C LEU A 217 29.38 -13.32 44.28
N ASN A 218 29.45 -14.65 44.38
CA ASN A 218 28.24 -15.47 44.40
C ASN A 218 27.50 -15.27 45.71
N ASN A 219 28.26 -15.14 46.79
CA ASN A 219 27.65 -14.92 48.10
C ASN A 219 27.01 -13.56 48.17
N LEU A 220 27.69 -12.59 47.57
CA LEU A 220 27.24 -11.19 47.47
C LEU A 220 25.94 -11.13 46.65
N ALA A 221 25.95 -11.70 45.44
CA ALA A 221 24.78 -11.72 44.59
C ALA A 221 23.62 -12.43 45.29
N LYS A 222 23.90 -13.55 45.95
CA LYS A 222 22.90 -14.32 46.70
C LYS A 222 22.22 -13.50 47.79
N ALA A 223 23.06 -12.79 48.57
CA ALA A 223 22.57 -11.97 49.66
C ALA A 223 21.73 -10.80 49.15
N ALA A 224 22.18 -10.19 48.06
CA ALA A 224 21.49 -9.07 47.45
C ALA A 224 20.09 -9.41 46.88
N VAL A 225 19.96 -10.54 46.17
CA VAL A 225 18.67 -10.93 45.63
C VAL A 225 17.75 -11.34 46.77
N LYS A 226 18.33 -11.81 47.86
CA LYS A 226 17.55 -12.21 49.02
C LYS A 226 16.95 -10.95 49.65
N GLU A 227 17.76 -9.89 49.69
CA GLU A 227 17.34 -8.61 50.24
C GLU A 227 16.27 -7.95 49.35
N LEU A 228 16.42 -8.09 48.05
CA LEU A 228 15.46 -7.52 47.10
C LEU A 228 14.08 -8.18 47.23
N ALA A 229 14.06 -9.49 47.45
CA ALA A 229 12.81 -10.23 47.58
C ALA A 229 11.95 -9.85 48.79
N THR A 230 12.56 -9.29 49.82
CA THR A 230 11.84 -8.92 51.06
C THR A 230 10.66 -7.96 50.91
N LEU A 231 10.72 -7.08 49.92
CA LEU A 231 9.70 -6.07 49.72
C LEU A 231 8.40 -6.54 49.07
N TYR A 232 8.52 -7.22 47.94
CA TYR A 232 7.36 -7.68 47.19
C TYR A 232 7.43 -9.11 46.75
N GLY A 233 8.48 -9.83 47.15
CA GLY A 233 8.65 -11.23 46.78
C GLY A 233 9.23 -11.52 45.40
N THR A 234 9.73 -10.48 44.72
CA THR A 234 10.31 -10.59 43.39
C THR A 234 11.51 -11.53 43.38
N LYS A 235 11.47 -12.52 42.50
CA LYS A 235 12.50 -13.53 42.38
C LYS A 235 13.58 -13.25 41.34
N TYR A 236 14.80 -13.21 41.82
CA TYR A 236 15.95 -12.99 40.97
C TYR A 236 16.84 -14.19 41.05
N THR A 237 17.56 -14.42 39.97
CA THR A 237 18.55 -15.49 39.91
C THR A 237 19.87 -14.75 39.74
N TYR A 238 20.97 -15.46 39.92
CA TYR A 238 22.30 -14.85 39.85
C TYR A 238 23.33 -15.87 39.48
N GLY A 239 24.47 -15.39 38.99
CA GLY A 239 25.55 -16.27 38.61
C GLY A 239 26.51 -15.61 37.63
N PRO A 240 27.56 -16.34 37.20
CA PRO A 240 28.53 -15.78 36.25
C PRO A 240 27.81 -15.67 34.90
N GLY A 241 28.11 -14.63 34.13
CA GLY A 241 27.45 -14.42 32.86
C GLY A 241 27.46 -15.58 31.87
N ALA A 242 28.66 -16.07 31.56
CA ALA A 242 28.87 -17.16 30.58
C ALA A 242 28.00 -18.38 30.80
N THR A 243 27.94 -18.86 32.02
CA THR A 243 27.15 -20.03 32.35
C THR A 243 25.69 -19.74 32.72
N THR A 244 25.43 -18.56 33.28
CA THR A 244 24.07 -18.21 33.69
C THR A 244 23.25 -17.75 32.48
N ILE A 245 23.88 -16.94 31.63
CA ILE A 245 23.22 -16.44 30.42
C ILE A 245 23.86 -17.24 29.26
N TYR A 246 24.98 -16.74 28.76
CA TYR A 246 25.71 -17.35 27.68
C TYR A 246 26.92 -16.49 27.41
N PRO A 247 27.93 -17.07 26.76
CA PRO A 247 29.16 -16.35 26.43
C PRO A 247 28.87 -15.16 25.53
N ALA A 248 29.38 -14.00 25.93
CA ALA A 248 29.21 -12.77 25.17
C ALA A 248 30.43 -11.95 25.52
N ALA A 249 31.18 -11.59 24.49
CA ALA A 249 32.40 -10.84 24.64
C ALA A 249 32.13 -9.34 24.59
N GLY A 250 33.12 -8.56 25.01
CA GLY A 250 33.08 -7.11 24.97
C GLY A 250 32.13 -6.37 25.89
N GLY A 251 31.79 -6.96 27.02
CA GLY A 251 30.86 -6.33 27.96
C GLY A 251 31.60 -5.43 28.92
N SER A 252 30.93 -4.42 29.45
CA SER A 252 31.56 -3.47 30.37
C SER A 252 31.81 -4.06 31.75
N ASP A 253 30.95 -5.00 32.18
CA ASP A 253 31.16 -5.61 33.48
C ASP A 253 32.49 -6.42 33.50
N ASP A 254 32.79 -7.17 32.45
CA ASP A 254 34.04 -7.93 32.38
C ASP A 254 35.25 -7.02 32.26
N TRP A 255 35.11 -5.99 31.43
CA TRP A 255 36.17 -5.02 31.23
C TRP A 255 36.52 -4.35 32.55
N ALA A 256 35.52 -3.77 33.22
CA ALA A 256 35.73 -3.10 34.52
C ALA A 256 36.45 -4.02 35.51
N TYR A 257 36.06 -5.30 35.52
CA TYR A 257 36.63 -6.29 36.41
C TYR A 257 38.11 -6.49 36.12
N ASP A 258 38.42 -6.57 34.82
CA ASP A 258 39.81 -6.74 34.39
C ASP A 258 40.65 -5.48 34.58
N GLN A 259 40.01 -4.37 34.98
CA GLN A 259 40.73 -3.14 35.29
C GLN A 259 41.08 -3.16 36.78
N GLY A 260 40.60 -4.18 37.49
CA GLY A 260 40.88 -4.30 38.91
C GLY A 260 39.69 -4.01 39.81
N ILE A 261 38.52 -3.73 39.22
CA ILE A 261 37.33 -3.45 40.00
C ILE A 261 36.73 -4.80 40.35
N LYS A 262 37.01 -5.26 41.57
CA LYS A 262 36.57 -6.57 42.06
C LYS A 262 35.08 -6.85 42.20
N TYR A 263 34.27 -5.82 42.41
CA TYR A 263 32.83 -5.99 42.56
C TYR A 263 32.20 -5.40 41.32
N SER A 264 31.84 -6.27 40.39
CA SER A 264 31.27 -5.85 39.12
C SER A 264 30.00 -6.64 38.83
N PHE A 265 28.86 -5.95 38.68
CA PHE A 265 27.60 -6.62 38.42
C PHE A 265 26.70 -5.98 37.37
N THR A 266 26.05 -6.85 36.60
CA THR A 266 25.06 -6.47 35.60
C THR A 266 23.71 -6.87 36.19
N PHE A 267 22.84 -5.89 36.37
CA PHE A 267 21.51 -6.10 36.91
C PHE A 267 20.51 -6.16 35.78
N GLU A 268 19.66 -7.17 35.83
CA GLU A 268 18.59 -7.31 34.87
C GLU A 268 17.33 -7.08 35.71
N LEU A 269 16.69 -5.92 35.51
CA LEU A 269 15.47 -5.55 36.25
C LEU A 269 14.19 -6.28 35.79
N ARG A 270 13.04 -5.94 36.36
CA ARG A 270 11.73 -6.53 36.00
C ARG A 270 11.43 -6.32 34.49
N ASP A 271 10.63 -7.19 33.86
CA ASP A 271 10.01 -8.34 34.49
C ASP A 271 10.64 -9.62 33.92
N LYS A 272 9.86 -10.70 33.81
CA LYS A 272 10.37 -11.95 33.28
C LYS A 272 9.95 -12.15 31.83
N GLY A 273 9.18 -11.21 31.30
CA GLY A 273 8.77 -11.34 29.92
C GLY A 273 7.32 -11.01 29.64
N ARG A 274 6.48 -10.86 30.68
CA ARG A 274 5.08 -10.54 30.44
C ARG A 274 4.96 -9.20 29.72
N TYR A 275 5.78 -8.23 30.12
CA TYR A 275 5.81 -6.91 29.47
C TYR A 275 7.18 -6.73 28.85
N GLY A 276 8.16 -7.47 29.35
CA GLY A 276 9.50 -7.38 28.81
C GLY A 276 10.08 -5.97 28.91
N PHE A 277 10.52 -5.44 27.77
CA PHE A 277 11.11 -4.09 27.70
C PHE A 277 10.06 -3.00 27.92
N ILE A 278 8.80 -3.31 27.60
CA ILE A 278 7.72 -2.33 27.74
C ILE A 278 7.04 -2.44 29.12
N LEU A 279 7.85 -2.38 30.16
CA LEU A 279 7.39 -2.45 31.53
C LEU A 279 6.50 -1.22 31.80
N PRO A 280 5.28 -1.43 32.32
CA PRO A 280 4.37 -0.34 32.62
C PRO A 280 4.94 0.68 33.62
N GLU A 281 4.61 1.95 33.41
CA GLU A 281 5.04 2.99 34.34
C GLU A 281 4.49 2.67 35.75
N SER A 282 3.39 1.92 35.81
CA SER A 282 2.78 1.53 37.08
C SER A 282 3.69 0.69 37.92
N GLN A 283 4.71 0.10 37.30
CA GLN A 283 5.66 -0.75 38.00
C GLN A 283 6.97 -0.05 38.32
N ILE A 284 7.13 1.20 37.89
CA ILE A 284 8.36 1.93 38.16
C ILE A 284 8.70 2.02 39.65
N GLN A 285 7.79 2.49 40.50
CA GLN A 285 8.13 2.59 41.91
C GLN A 285 8.44 1.29 42.64
N ALA A 286 7.63 0.25 42.45
CA ALA A 286 7.87 -1.05 43.08
C ALA A 286 9.23 -1.59 42.64
N THR A 287 9.54 -1.50 41.33
CA THR A 287 10.80 -1.97 40.76
C THR A 287 12.00 -1.22 41.32
N CYS A 288 11.96 0.10 41.28
CA CYS A 288 13.06 0.91 41.79
C CYS A 288 13.27 0.73 43.27
N GLU A 289 12.19 0.59 44.02
CA GLU A 289 12.29 0.41 45.47
C GLU A 289 12.94 -0.89 45.85
N GLU A 290 12.47 -2.00 45.31
CA GLU A 290 13.08 -3.29 45.62
C GLU A 290 14.55 -3.29 45.12
N THR A 291 14.81 -2.70 43.95
CA THR A 291 16.16 -2.61 43.41
C THR A 291 17.09 -1.80 44.33
N MET A 292 16.53 -0.78 44.98
CA MET A 292 17.27 0.05 45.93
C MET A 292 17.83 -0.84 47.04
N LEU A 293 17.04 -1.81 47.49
CA LEU A 293 17.48 -2.70 48.56
C LEU A 293 18.74 -3.49 48.19
N ALA A 294 18.79 -4.04 46.98
CA ALA A 294 19.97 -4.78 46.51
C ALA A 294 21.19 -3.88 46.33
N ILE A 295 21.01 -2.73 45.68
CA ILE A 295 22.09 -1.78 45.47
C ILE A 295 22.69 -1.35 46.82
N LYS A 296 21.83 -1.00 47.78
CA LYS A 296 22.26 -0.58 49.11
C LYS A 296 22.94 -1.73 49.84
N TYR A 297 22.45 -2.97 49.65
CA TYR A 297 23.07 -4.12 50.30
C TYR A 297 24.52 -4.25 49.81
N VAL A 298 24.69 -4.19 48.49
CA VAL A 298 25.99 -4.29 47.84
C VAL A 298 26.90 -3.14 48.28
N THR A 299 26.35 -1.93 48.36
CA THR A 299 27.12 -0.76 48.77
C THR A 299 27.66 -0.94 50.19
N ASN A 300 26.79 -1.39 51.10
CA ASN A 300 27.25 -1.61 52.46
C ASN A 300 28.35 -2.67 52.51
N TYR A 301 28.18 -3.75 51.75
CA TYR A 301 29.18 -4.80 51.71
C TYR A 301 30.55 -4.25 51.25
N VAL A 302 30.56 -3.57 50.12
CA VAL A 302 31.78 -3.00 49.58
C VAL A 302 32.46 -2.04 50.58
N LEU A 303 31.65 -1.22 51.23
CA LEU A 303 32.16 -0.27 52.22
C LEU A 303 32.82 -1.01 53.40
N GLY A 304 32.25 -2.15 53.78
CA GLY A 304 32.78 -2.91 54.90
C GLY A 304 33.99 -3.72 54.53
N HIS A 305 34.30 -3.74 53.23
CA HIS A 305 35.44 -4.49 52.69
C HIS A 305 36.41 -3.59 51.90
N LEU A 306 36.65 -2.38 52.39
CA LEU A 306 37.55 -1.42 51.74
C LEU A 306 39.01 -1.63 52.19
N THR B 2 8.43 -17.24 16.97
CA THR B 2 9.78 -16.81 16.60
C THR B 2 10.50 -17.77 15.63
N GLY B 3 10.34 -19.09 15.82
CA GLY B 3 10.99 -20.04 14.92
C GLY B 3 10.44 -19.86 13.51
N HIS B 4 11.31 -19.88 12.51
CA HIS B 4 10.88 -19.72 11.11
C HIS B 4 10.28 -20.99 10.51
N SER B 5 9.26 -20.83 9.69
CA SER B 5 8.61 -21.93 8.99
C SER B 5 8.23 -21.45 7.60
N TYR B 6 8.53 -22.25 6.57
CA TYR B 6 8.17 -21.89 5.19
C TYR B 6 6.69 -22.12 4.93
N GLU B 7 6.03 -22.91 5.77
CA GLU B 7 4.58 -23.14 5.63
C GLU B 7 3.71 -22.35 6.62
N LYS B 8 4.26 -21.26 7.17
CA LYS B 8 3.57 -20.34 8.09
C LYS B 8 3.96 -18.92 7.75
N TYR B 9 3.17 -17.94 8.16
CA TYR B 9 3.49 -16.53 7.91
C TYR B 9 4.41 -16.16 9.07
N ASN B 10 5.57 -15.59 8.75
CA ASN B 10 6.57 -15.21 9.73
C ASN B 10 6.61 -13.68 10.00
N ASN B 11 6.74 -13.26 11.26
CA ASN B 11 6.79 -11.81 11.55
C ASN B 11 8.16 -11.23 11.15
N TRP B 12 8.31 -9.90 11.13
CA TRP B 12 9.59 -9.32 10.69
C TRP B 12 10.82 -9.82 11.44
N GLU B 13 10.70 -9.90 12.75
CA GLU B 13 11.79 -10.40 13.58
C GLU B 13 12.26 -11.76 13.07
N THR B 14 11.33 -12.68 12.83
CA THR B 14 11.62 -14.01 12.31
C THR B 14 12.22 -13.97 10.89
N ILE B 15 11.69 -13.10 10.03
CA ILE B 15 12.19 -12.96 8.67
C ILE B 15 13.62 -12.41 8.67
N GLU B 16 13.88 -11.38 9.48
CA GLU B 16 15.21 -10.80 9.62
C GLU B 16 16.25 -11.85 10.03
N ALA B 17 15.90 -12.64 11.04
CA ALA B 17 16.79 -13.69 11.52
C ALA B 17 16.95 -14.74 10.44
N TRP B 18 15.88 -15.00 9.69
CA TRP B 18 15.94 -15.95 8.58
C TRP B 18 16.95 -15.48 7.52
N THR B 19 16.97 -14.16 7.22
CA THR B 19 17.90 -13.63 6.22
C THR B 19 19.33 -13.91 6.63
N LYS B 20 19.62 -13.76 7.92
CA LYS B 20 20.96 -14.04 8.41
C LYS B 20 21.26 -15.54 8.35
N GLN B 21 20.32 -16.34 8.83
CA GLN B 21 20.47 -17.78 8.89
C GLN B 21 20.65 -18.47 7.54
N VAL B 22 19.76 -18.16 6.60
CA VAL B 22 19.77 -18.74 5.26
C VAL B 22 21.07 -18.39 4.52
N THR B 23 21.58 -17.20 4.78
CA THR B 23 22.81 -16.70 4.19
C THR B 23 24.01 -17.45 4.75
N SER B 24 24.11 -17.50 6.07
CA SER B 24 25.23 -18.18 6.72
C SER B 24 25.29 -19.67 6.39
N GLU B 25 24.12 -20.28 6.16
CA GLU B 25 24.06 -21.68 5.82
C GLU B 25 24.42 -21.98 4.36
N ASN B 26 24.29 -20.99 3.49
CA ASN B 26 24.57 -21.18 2.08
C ASN B 26 25.38 -20.01 1.55
N PRO B 27 26.58 -19.79 2.13
CA PRO B 27 27.53 -18.71 1.81
C PRO B 27 28.03 -18.76 0.36
N ASP B 28 28.07 -19.96 -0.21
CA ASP B 28 28.49 -20.17 -1.60
C ASP B 28 27.40 -19.86 -2.62
N LEU B 29 26.19 -19.51 -2.15
CA LEU B 29 25.04 -19.22 -3.02
C LEU B 29 24.29 -17.93 -2.69
N ILE B 30 24.45 -17.43 -1.46
CA ILE B 30 23.72 -16.25 -1.02
C ILE B 30 24.61 -15.27 -0.33
N SER B 31 24.35 -14.00 -0.63
CA SER B 31 25.01 -12.84 -0.04
C SER B 31 23.86 -11.97 0.46
N ARG B 32 24.04 -11.34 1.59
CA ARG B 32 23.01 -10.48 2.10
C ARG B 32 23.56 -9.08 2.39
N THR B 33 22.80 -8.06 2.01
CA THR B 33 23.14 -6.67 2.25
C THR B 33 21.84 -5.98 2.63
N ALA B 34 21.94 -4.71 3.01
CA ALA B 34 20.78 -3.91 3.34
C ALA B 34 20.92 -2.79 2.33
N ILE B 35 19.82 -2.43 1.68
CA ILE B 35 19.86 -1.39 0.67
C ILE B 35 19.39 -0.02 1.17
N GLY B 36 19.00 0.02 2.44
CA GLY B 36 18.55 1.25 3.06
C GLY B 36 17.86 0.90 4.34
N THR B 37 17.32 1.92 5.00
CA THR B 37 16.57 1.74 6.22
C THR B 37 15.18 2.31 5.98
N THR B 38 14.18 1.75 6.64
CA THR B 38 12.81 2.19 6.48
C THR B 38 12.58 3.47 7.30
N PHE B 39 11.38 4.03 7.22
CA PHE B 39 11.04 5.23 8.00
C PHE B 39 11.24 5.02 9.49
N LEU B 40 10.91 3.83 9.98
CA LEU B 40 11.01 3.48 11.41
C LEU B 40 12.35 2.86 11.81
N GLY B 41 13.34 2.91 10.91
CA GLY B 41 14.68 2.41 11.22
C GLY B 41 15.00 0.94 10.99
N ASN B 42 14.11 0.20 10.33
CA ASN B 42 14.31 -1.22 10.04
C ASN B 42 15.23 -1.38 8.80
N ASN B 43 15.98 -2.47 8.74
CA ASN B 43 16.91 -2.71 7.63
C ASN B 43 16.26 -3.39 6.45
N ILE B 44 16.34 -2.77 5.27
CA ILE B 44 15.78 -3.34 4.04
C ILE B 44 16.79 -4.34 3.46
N TYR B 45 16.62 -5.61 3.78
CA TYR B 45 17.54 -6.65 3.34
C TYR B 45 17.33 -7.07 1.89
N LEU B 46 18.46 -7.38 1.25
CA LEU B 46 18.49 -7.87 -0.12
C LEU B 46 19.39 -9.11 -0.19
N LEU B 47 18.85 -10.23 -0.68
CA LEU B 47 19.65 -11.46 -0.82
C LEU B 47 20.01 -11.64 -2.30
N LYS B 48 21.29 -11.83 -2.57
CA LYS B 48 21.80 -12.05 -3.91
C LYS B 48 22.01 -13.55 -3.97
N VAL B 49 21.17 -14.21 -4.77
CA VAL B 49 21.18 -15.67 -4.89
C VAL B 49 21.78 -16.09 -6.24
N GLY B 50 22.89 -16.80 -6.19
CA GLY B 50 23.51 -17.22 -7.43
C GLY B 50 24.91 -17.69 -7.14
N LYS B 51 25.45 -18.49 -8.06
CA LYS B 51 26.79 -19.01 -7.96
C LYS B 51 27.64 -17.82 -8.45
N PRO B 52 28.39 -17.18 -7.53
CA PRO B 52 29.22 -16.01 -7.84
C PRO B 52 30.14 -16.18 -9.06
N GLY B 53 30.08 -15.21 -9.97
CA GLY B 53 30.85 -15.22 -11.19
C GLY B 53 30.94 -13.83 -11.82
N PRO B 54 31.81 -13.65 -12.84
CA PRO B 54 32.06 -12.40 -13.59
C PRO B 54 30.92 -11.93 -14.48
N ASN B 55 30.68 -10.62 -14.41
CA ASN B 55 29.64 -9.95 -15.16
C ASN B 55 28.42 -10.78 -15.53
N LYS B 56 27.71 -11.23 -14.51
CA LYS B 56 26.51 -12.04 -14.69
C LYS B 56 25.30 -11.11 -14.77
N PRO B 57 24.32 -11.44 -15.64
CA PRO B 57 23.12 -10.61 -15.73
C PRO B 57 22.29 -10.97 -14.48
N ALA B 58 21.18 -10.29 -14.29
CA ALA B 58 20.40 -10.53 -13.10
C ALA B 58 18.92 -10.35 -13.29
N ILE B 59 18.16 -10.94 -12.38
CA ILE B 59 16.70 -10.81 -12.33
C ILE B 59 16.41 -10.28 -10.93
N PHE B 60 15.69 -9.17 -10.85
CA PHE B 60 15.35 -8.57 -9.58
C PHE B 60 13.91 -8.92 -9.20
N MET B 61 13.70 -9.42 -7.98
CA MET B 61 12.37 -9.77 -7.51
C MET B 61 12.14 -9.25 -6.10
N ASP B 62 10.99 -8.62 -5.86
CA ASP B 62 10.68 -8.13 -4.52
C ASP B 62 9.34 -8.65 -4.08
N CYS B 63 9.13 -8.64 -2.77
CA CYS B 63 7.89 -9.07 -2.16
C CYS B 63 7.60 -8.11 -1.01
N GLY B 64 6.35 -8.07 -0.57
CA GLY B 64 6.01 -7.23 0.56
C GLY B 64 5.90 -5.75 0.31
N PHE B 65 5.61 -5.33 -0.92
CA PHE B 65 5.39 -3.91 -1.20
C PHE B 65 4.20 -3.44 -0.32
N HIS B 66 3.17 -4.29 -0.28
CA HIS B 66 1.94 -4.03 0.46
C HIS B 66 1.82 -4.93 1.66
N ALA B 67 1.70 -4.28 2.82
CA ALA B 67 1.64 -4.86 4.14
C ALA B 67 0.78 -6.10 4.33
N ARG B 68 -0.50 -5.99 3.96
CA ARG B 68 -1.48 -7.07 4.08
C ARG B 68 -1.40 -8.26 3.14
N GLU B 69 -0.63 -8.17 2.07
CA GLU B 69 -0.45 -9.25 1.10
C GLU B 69 0.57 -10.25 1.56
N TRP B 70 0.27 -10.92 2.67
CA TRP B 70 1.16 -11.86 3.31
C TRP B 70 1.71 -13.03 2.49
N ILE B 71 0.95 -13.52 1.52
CA ILE B 71 1.41 -14.63 0.68
C ILE B 71 2.61 -14.19 -0.18
N SER B 72 2.69 -12.90 -0.44
CA SER B 72 3.81 -12.33 -1.22
C SER B 72 5.15 -12.54 -0.48
N HIS B 73 5.19 -12.13 0.79
CA HIS B 73 6.38 -12.23 1.64
C HIS B 73 6.75 -13.71 1.74
N ALA B 74 5.75 -14.57 1.94
CA ALA B 74 5.96 -16.01 2.06
C ALA B 74 6.62 -16.58 0.80
N PHE B 75 6.23 -16.05 -0.37
CA PHE B 75 6.79 -16.53 -1.61
C PHE B 75 8.29 -16.26 -1.75
N CYS B 76 8.76 -15.04 -1.43
CA CYS B 76 10.19 -14.72 -1.56
C CYS B 76 11.02 -15.66 -0.72
N GLN B 77 10.50 -16.03 0.44
CA GLN B 77 11.22 -16.94 1.32
C GLN B 77 11.26 -18.33 0.69
N TRP B 78 10.13 -18.78 0.19
CA TRP B 78 10.03 -20.10 -0.41
C TRP B 78 11.03 -20.22 -1.56
N PHE B 79 11.05 -19.19 -2.40
CA PHE B 79 11.91 -19.12 -3.57
C PHE B 79 13.37 -19.41 -3.23
N VAL B 80 13.88 -18.70 -2.21
CA VAL B 80 15.25 -18.83 -1.78
C VAL B 80 15.60 -20.26 -1.33
N ARG B 81 14.74 -20.90 -0.54
CA ARG B 81 15.04 -22.27 -0.12
C ARG B 81 15.05 -23.20 -1.32
N GLU B 82 14.02 -23.09 -2.17
CA GLU B 82 13.95 -23.89 -3.38
C GLU B 82 15.24 -23.78 -4.21
N ALA B 83 15.72 -22.56 -4.42
CA ALA B 83 16.94 -22.31 -5.20
C ALA B 83 18.19 -23.00 -4.64
N VAL B 84 18.46 -22.82 -3.36
CA VAL B 84 19.63 -23.43 -2.74
C VAL B 84 19.55 -24.98 -2.57
N LEU B 85 18.35 -25.53 -2.36
CA LEU B 85 18.17 -26.99 -2.21
C LEU B 85 18.33 -27.79 -3.50
N THR B 86 17.81 -27.23 -4.59
CA THR B 86 17.85 -27.87 -5.90
C THR B 86 19.08 -27.54 -6.73
N TYR B 87 19.84 -26.53 -6.33
CA TYR B 87 21.03 -26.21 -7.09
C TYR B 87 21.98 -27.42 -7.10
N GLY B 88 22.36 -27.86 -8.30
CA GLY B 88 23.23 -29.01 -8.41
C GLY B 88 22.47 -30.29 -8.65
N TYR B 89 21.14 -30.26 -8.53
CA TYR B 89 20.29 -31.44 -8.74
C TYR B 89 19.29 -31.26 -9.85
N GLU B 90 18.62 -30.11 -9.86
CA GLU B 90 17.65 -29.79 -10.89
C GLU B 90 18.35 -28.90 -11.93
N SER B 91 18.48 -29.44 -13.13
CA SER B 91 19.20 -28.80 -14.24
C SER B 91 18.89 -27.35 -14.54
N HIS B 92 17.62 -27.00 -14.56
CA HIS B 92 17.25 -25.63 -14.88
C HIS B 92 17.67 -24.62 -13.85
N MET B 93 17.40 -24.91 -12.59
CA MET B 93 17.78 -24.04 -11.48
C MET B 93 19.30 -23.98 -11.39
N THR B 94 19.94 -25.10 -11.69
CA THR B 94 21.39 -25.13 -11.62
C THR B 94 21.97 -24.18 -12.65
N GLU B 95 21.38 -24.21 -13.84
CA GLU B 95 21.82 -23.35 -14.94
C GLU B 95 21.55 -21.89 -14.63
N PHE B 96 20.35 -21.64 -14.09
CA PHE B 96 19.92 -20.30 -13.71
C PHE B 96 20.89 -19.68 -12.78
N LEU B 97 21.22 -20.37 -11.71
CA LEU B 97 22.16 -19.86 -10.71
C LEU B 97 23.59 -19.80 -11.20
N ASN B 98 23.92 -20.59 -12.20
CA ASN B 98 25.25 -20.55 -12.76
C ASN B 98 25.40 -19.35 -13.70
N LYS B 99 24.35 -19.11 -14.49
CA LYS B 99 24.33 -18.03 -15.46
C LYS B 99 23.93 -16.63 -14.96
N LEU B 100 22.97 -16.55 -14.05
CA LEU B 100 22.54 -15.25 -13.59
C LEU B 100 22.38 -15.17 -12.07
N ASP B 101 22.11 -13.98 -11.58
CA ASP B 101 21.87 -13.80 -10.14
C ASP B 101 20.44 -13.36 -9.93
N PHE B 102 19.87 -13.77 -8.80
CA PHE B 102 18.54 -13.33 -8.45
C PHE B 102 18.72 -12.40 -7.26
N TYR B 103 18.19 -11.19 -7.39
CA TYR B 103 18.22 -10.24 -6.28
C TYR B 103 16.81 -10.38 -5.70
N VAL B 104 16.71 -11.02 -4.55
CA VAL B 104 15.42 -11.21 -3.89
C VAL B 104 15.29 -10.23 -2.70
N LEU B 105 14.29 -9.36 -2.76
CA LEU B 105 14.07 -8.40 -1.69
C LEU B 105 12.83 -8.95 -0.98
N PRO B 106 13.04 -9.73 0.08
CA PRO B 106 12.00 -10.38 0.88
C PRO B 106 10.82 -9.52 1.31
N VAL B 107 11.10 -8.35 1.89
CA VAL B 107 10.04 -7.45 2.33
C VAL B 107 10.48 -6.01 2.13
N LEU B 108 9.75 -5.28 1.28
CA LEU B 108 10.08 -3.88 1.06
C LEU B 108 9.45 -2.98 2.15
N ASN B 109 8.13 -3.07 2.29
CA ASN B 109 7.41 -2.28 3.26
C ASN B 109 7.38 -2.98 4.62
N ILE B 110 8.55 -3.02 5.27
CA ILE B 110 8.73 -3.65 6.58
C ILE B 110 7.90 -2.99 7.70
N ASP B 111 7.86 -1.66 7.74
CA ASP B 111 7.12 -0.95 8.80
C ASP B 111 5.62 -1.28 8.71
N GLY B 112 5.06 -1.24 7.51
CA GLY B 112 3.66 -1.58 7.31
C GLY B 112 3.43 -3.04 7.71
N TYR B 113 4.36 -3.94 7.37
CA TYR B 113 4.23 -5.36 7.71
C TYR B 113 4.11 -5.55 9.21
N ILE B 114 4.99 -4.91 9.97
CA ILE B 114 4.96 -5.00 11.44
C ILE B 114 3.59 -4.55 11.93
N TYR B 115 3.09 -3.47 11.34
CA TYR B 115 1.76 -2.92 11.65
C TYR B 115 0.60 -3.93 11.41
N THR B 116 0.70 -4.78 10.38
CA THR B 116 -0.37 -5.78 10.14
C THR B 116 -0.32 -6.90 11.18
N TRP B 117 0.86 -7.10 11.76
CA TRP B 117 1.06 -8.10 12.81
C TRP B 117 0.70 -7.54 14.18
N THR B 118 0.76 -6.23 14.36
CA THR B 118 0.52 -5.63 15.67
C THR B 118 -0.80 -4.93 15.89
N LYS B 119 -1.27 -4.19 14.88
CA LYS B 119 -2.46 -3.38 15.00
C LYS B 119 -3.52 -3.52 13.94
N ASN B 120 -3.14 -3.73 12.69
CA ASN B 120 -4.17 -3.76 11.68
C ASN B 120 -3.78 -4.63 10.49
N ARG B 121 -4.30 -5.85 10.52
CA ARG B 121 -4.09 -6.88 9.51
C ARG B 121 -4.43 -6.42 8.09
N MET B 122 -5.28 -5.41 7.95
CA MET B 122 -5.65 -4.91 6.64
C MET B 122 -4.92 -3.63 6.18
N TRP B 123 -3.84 -3.27 6.85
CA TRP B 123 -3.07 -2.10 6.45
C TRP B 123 -2.40 -2.40 5.09
N ARG B 124 -2.17 -1.37 4.27
CA ARG B 124 -1.58 -1.52 2.94
C ARG B 124 -0.30 -0.70 2.77
N LYS B 125 -0.41 0.58 3.14
CA LYS B 125 0.65 1.56 2.99
C LYS B 125 1.83 1.44 3.91
N THR B 126 2.74 2.40 3.77
CA THR B 126 3.91 2.49 4.61
C THR B 126 3.40 3.14 5.93
N ARG B 127 4.30 3.42 6.88
CA ARG B 127 3.91 4.03 8.14
C ARG B 127 4.56 5.41 8.40
N SER B 128 4.88 6.12 7.34
CA SER B 128 5.50 7.44 7.49
C SER B 128 4.43 8.48 7.84
N THR B 129 4.86 9.58 8.43
CA THR B 129 3.96 10.65 8.81
C THR B 129 3.68 11.59 7.64
N ASN B 130 2.57 12.29 7.75
CA ASN B 130 2.10 13.24 6.75
C ASN B 130 1.76 14.58 7.40
N ALA B 131 2.41 15.62 6.88
CA ALA B 131 2.23 16.99 7.36
C ALA B 131 0.77 17.43 7.27
N GLY B 132 0.30 18.16 8.26
CA GLY B 132 -1.07 18.67 8.28
C GLY B 132 -2.15 17.62 8.50
N THR B 133 -1.78 16.37 8.76
CA THR B 133 -2.80 15.35 8.98
C THR B 133 -2.32 14.28 9.93
N THR B 134 -3.28 13.56 10.49
CA THR B 134 -2.98 12.47 11.39
C THR B 134 -2.87 11.21 10.53
N CYS B 135 -3.23 11.35 9.25
CA CYS B 135 -3.19 10.22 8.32
C CYS B 135 -1.75 9.82 8.06
N ILE B 136 -1.55 8.51 8.15
CA ILE B 136 -0.24 7.89 7.99
C ILE B 136 -0.05 7.08 6.71
N GLY B 137 1.17 7.11 6.19
CA GLY B 137 1.50 6.29 5.05
C GLY B 137 1.23 6.72 3.64
N THR B 138 2.10 6.23 2.76
CA THR B 138 2.07 6.47 1.33
C THR B 138 2.01 5.10 0.68
N ASP B 139 1.37 4.99 -0.48
CA ASP B 139 1.33 3.72 -1.19
C ASP B 139 2.64 3.63 -1.95
N PRO B 140 3.54 2.70 -1.56
CA PRO B 140 4.82 2.58 -2.27
C PRO B 140 4.63 2.29 -3.77
N ASN B 141 3.53 1.64 -4.13
CA ASN B 141 3.33 1.35 -5.54
C ASN B 141 2.66 2.50 -6.28
N ARG B 142 2.68 3.69 -5.65
CA ARG B 142 2.15 4.93 -6.23
C ARG B 142 3.21 6.02 -6.03
N ASN B 143 4.39 5.59 -5.57
CA ASN B 143 5.46 6.52 -5.22
C ASN B 143 6.69 6.50 -6.15
N PHE B 144 6.59 5.78 -7.27
CA PHE B 144 7.69 5.69 -8.22
C PHE B 144 7.56 6.76 -9.29
N ASP B 145 8.69 7.09 -9.91
CA ASP B 145 8.75 8.11 -10.95
C ASP B 145 8.33 7.53 -12.32
N ALA B 146 7.06 7.15 -12.43
CA ALA B 146 6.50 6.59 -13.65
C ALA B 146 5.16 7.29 -13.85
N GLY B 147 5.18 8.45 -14.53
CA GLY B 147 3.99 9.26 -14.75
C GLY B 147 3.45 9.58 -13.36
N TRP B 148 4.38 9.78 -12.42
CA TRP B 148 4.06 9.99 -11.03
C TRP B 148 2.85 10.83 -10.70
N CYS B 149 1.98 10.22 -9.92
CA CYS B 149 0.75 10.80 -9.42
C CYS B 149 -0.15 11.50 -10.45
N THR B 150 -0.10 11.05 -11.70
CA THR B 150 -0.90 11.66 -12.75
C THR B 150 -2.25 10.98 -12.95
N THR B 151 -2.38 9.76 -12.44
CA THR B 151 -3.62 8.99 -12.60
C THR B 151 -3.65 7.79 -11.65
N GLY B 152 -4.85 7.37 -11.27
CA GLY B 152 -5.00 6.22 -10.37
C GLY B 152 -4.20 6.29 -9.09
N ALA B 153 -3.87 7.52 -8.68
CA ALA B 153 -3.10 7.79 -7.48
C ALA B 153 -3.73 9.02 -6.84
N SER B 154 -3.92 8.96 -5.53
CA SER B 154 -4.52 10.04 -4.77
C SER B 154 -3.53 10.99 -4.12
N THR B 155 -3.87 12.28 -4.10
CA THR B 155 -3.05 13.28 -3.44
C THR B 155 -3.51 13.44 -1.97
N ASP B 156 -4.52 12.67 -1.56
CA ASP B 156 -5.00 12.73 -0.18
C ASP B 156 -4.22 11.71 0.65
N PRO B 157 -3.45 12.18 1.64
CA PRO B 157 -2.66 11.31 2.50
C PRO B 157 -3.46 10.24 3.23
N CYS B 158 -4.76 10.46 3.36
CA CYS B 158 -5.65 9.51 4.04
C CYS B 158 -6.09 8.35 3.16
N ASP B 159 -5.89 8.48 1.87
CA ASP B 159 -6.32 7.43 0.95
C ASP B 159 -5.30 6.34 0.86
N GLU B 160 -5.80 5.13 0.61
CA GLU B 160 -4.98 3.95 0.45
C GLU B 160 -4.02 3.99 -0.73
N THR B 161 -4.25 4.87 -1.71
CA THR B 161 -3.38 4.99 -2.87
C THR B 161 -2.63 6.34 -2.92
N TYR B 162 -2.40 6.92 -1.76
CA TYR B 162 -1.73 8.21 -1.67
C TYR B 162 -0.37 8.06 -2.34
N CYS B 163 -0.10 8.92 -3.33
CA CYS B 163 1.13 8.87 -4.10
C CYS B 163 2.36 9.43 -3.39
N GLY B 164 2.14 10.01 -2.22
CA GLY B 164 3.23 10.60 -1.47
C GLY B 164 3.38 12.07 -1.79
N SER B 165 4.33 12.72 -1.13
CA SER B 165 4.60 14.14 -1.35
C SER B 165 5.42 14.40 -2.61
N ALA B 166 6.12 13.37 -3.08
CA ALA B 166 6.95 13.47 -4.27
C ALA B 166 7.30 12.05 -4.68
N ALA B 167 7.77 11.89 -5.91
CA ALA B 167 8.19 10.57 -6.38
C ALA B 167 9.37 10.22 -5.48
N GLU B 168 9.39 8.99 -4.96
CA GLU B 168 10.45 8.51 -4.07
C GLU B 168 10.57 9.21 -2.71
N SER B 169 9.50 9.84 -2.24
CA SER B 169 9.51 10.53 -0.95
C SER B 169 9.74 9.50 0.18
N GLU B 170 9.30 8.25 -0.02
CA GLU B 170 9.48 7.18 0.97
C GLU B 170 10.90 6.63 0.93
N LYS B 171 11.50 6.40 2.08
CA LYS B 171 12.85 5.86 2.14
C LYS B 171 12.94 4.52 1.43
N GLU B 172 11.90 3.70 1.57
CA GLU B 172 11.84 2.37 0.97
C GLU B 172 11.94 2.38 -0.57
N THR B 173 11.11 3.21 -1.20
CA THR B 173 11.04 3.31 -2.64
C THR B 173 12.33 3.91 -3.17
N LYS B 174 12.83 4.95 -2.51
CA LYS B 174 14.09 5.57 -2.91
C LYS B 174 15.22 4.52 -2.81
N ALA B 175 15.22 3.70 -1.75
CA ALA B 175 16.25 2.67 -1.58
C ALA B 175 16.20 1.65 -2.72
N LEU B 176 15.00 1.23 -3.10
CA LEU B 176 14.82 0.29 -4.21
C LEU B 176 15.22 0.89 -5.59
N ALA B 177 14.72 2.10 -5.90
CA ALA B 177 15.01 2.79 -7.16
C ALA B 177 16.53 3.01 -7.25
N ASP B 178 17.16 3.43 -6.16
CA ASP B 178 18.61 3.65 -6.15
C ASP B 178 19.39 2.40 -6.52
N PHE B 179 19.06 1.29 -5.86
CA PHE B 179 19.74 0.04 -6.13
C PHE B 179 19.64 -0.35 -7.58
N ILE B 180 18.43 -0.31 -8.10
CA ILE B 180 18.17 -0.66 -9.49
C ILE B 180 18.90 0.28 -10.44
N ARG B 181 18.88 1.58 -10.14
CA ARG B 181 19.57 2.54 -10.98
C ARG B 181 21.06 2.25 -11.01
N ASN B 182 21.60 1.74 -9.92
CA ASN B 182 23.04 1.45 -9.84
C ASN B 182 23.46 0.09 -10.37
N ASN B 183 22.47 -0.71 -10.79
CA ASN B 183 22.72 -2.05 -11.32
C ASN B 183 22.01 -2.32 -12.63
N LEU B 184 21.64 -1.25 -13.31
CA LEU B 184 20.93 -1.32 -14.59
C LEU B 184 21.57 -2.21 -15.64
N SER B 185 22.88 -2.14 -15.72
CA SER B 185 23.63 -2.93 -16.68
C SER B 185 23.25 -4.41 -16.63
N SER B 186 23.27 -4.97 -15.43
CA SER B 186 23.00 -6.38 -15.23
C SER B 186 21.55 -6.81 -15.15
N ILE B 187 20.67 -5.95 -14.63
CA ILE B 187 19.26 -6.32 -14.46
C ILE B 187 18.48 -6.42 -15.76
N LYS B 188 18.03 -7.65 -16.05
CA LYS B 188 17.31 -7.97 -17.28
C LYS B 188 15.79 -8.15 -17.07
N ALA B 189 15.37 -8.39 -15.83
CA ALA B 189 13.95 -8.57 -15.57
C ALA B 189 13.65 -8.09 -14.17
N TYR B 190 12.42 -7.59 -14.01
CA TYR B 190 11.93 -7.06 -12.76
C TYR B 190 10.61 -7.77 -12.47
N LEU B 191 10.52 -8.41 -11.31
CA LEU B 191 9.32 -9.13 -10.90
C LEU B 191 8.87 -8.62 -9.52
N THR B 192 7.64 -8.15 -9.43
CA THR B 192 7.15 -7.63 -8.17
C THR B 192 5.93 -8.44 -7.74
N ILE B 193 6.05 -9.12 -6.59
CA ILE B 193 5.01 -10.03 -6.09
C ILE B 193 3.97 -9.37 -5.16
N HIS B 194 2.69 -9.55 -5.50
CA HIS B 194 1.53 -9.00 -4.77
C HIS B 194 0.44 -10.05 -4.65
N SER B 195 -0.60 -9.75 -3.90
CA SER B 195 -1.78 -10.62 -3.80
C SER B 195 -2.99 -9.70 -3.61
N TYR B 196 -4.20 -10.13 -3.98
CA TYR B 196 -4.50 -11.44 -4.58
C TYR B 196 -5.23 -11.13 -5.88
N SER B 197 -5.65 -12.15 -6.62
CA SER B 197 -6.38 -12.04 -7.89
C SER B 197 -6.00 -13.07 -8.92
N GLN B 198 -4.81 -13.66 -8.80
CA GLN B 198 -4.33 -14.65 -9.74
C GLN B 198 -4.19 -14.05 -11.14
N MET B 199 -3.19 -13.18 -11.29
CA MET B 199 -2.89 -12.50 -12.56
C MET B 199 -1.41 -12.19 -12.72
N ILE B 200 -0.99 -12.02 -13.97
CA ILE B 200 0.37 -11.63 -14.32
C ILE B 200 0.17 -10.42 -15.23
N LEU B 201 0.58 -9.25 -14.75
CA LEU B 201 0.41 -8.00 -15.49
C LEU B 201 1.75 -7.43 -15.91
N TYR B 202 1.73 -6.66 -17.00
CA TYR B 202 2.93 -5.99 -17.48
C TYR B 202 2.60 -4.55 -17.85
N PRO B 203 3.61 -3.72 -18.08
CA PRO B 203 3.33 -2.33 -18.43
C PRO B 203 2.36 -2.21 -19.61
N TYR B 204 1.66 -1.08 -19.72
CA TYR B 204 1.75 0.07 -18.83
C TYR B 204 0.47 0.27 -18.00
N SER B 205 0.63 0.75 -16.76
CA SER B 205 -0.52 1.07 -15.91
C SER B 205 -0.77 2.60 -15.86
N TYR B 206 0.30 3.40 -15.92
CA TYR B 206 0.16 4.85 -15.85
C TYR B 206 -0.37 5.53 -17.12
N ASP B 207 -0.32 4.81 -18.23
CA ASP B 207 -0.76 5.30 -19.53
C ASP B 207 -1.38 4.09 -20.23
N TYR B 208 -2.27 4.35 -21.19
CA TYR B 208 -2.93 3.28 -21.95
C TYR B 208 -2.05 2.79 -23.10
N LYS B 209 -1.01 3.56 -23.39
CA LYS B 209 -0.09 3.21 -24.43
C LYS B 209 0.51 1.86 -24.13
N LEU B 210 0.81 1.13 -25.19
CA LEU B 210 1.41 -0.19 -25.08
C LEU B 210 2.92 -0.13 -25.23
N PRO B 211 3.65 -0.92 -24.42
CA PRO B 211 5.10 -0.89 -24.57
C PRO B 211 5.49 -1.50 -25.91
N GLU B 212 6.61 -1.04 -26.42
CA GLU B 212 7.16 -1.48 -27.68
C GLU B 212 7.13 -3.01 -27.83
N ASN B 213 7.37 -3.71 -26.73
CA ASN B 213 7.39 -5.19 -26.74
C ASN B 213 6.16 -5.89 -26.13
N ASN B 214 5.01 -5.22 -26.16
CA ASN B 214 3.83 -5.79 -25.55
C ASN B 214 3.38 -7.14 -26.11
N ALA B 215 3.53 -7.37 -27.43
CA ALA B 215 3.13 -8.66 -28.02
C ALA B 215 4.03 -9.78 -27.45
N GLU B 216 5.33 -9.51 -27.35
CA GLU B 216 6.28 -10.47 -26.79
C GLU B 216 5.94 -10.73 -25.33
N LEU B 217 5.59 -9.65 -24.61
CA LEU B 217 5.25 -9.75 -23.19
C LEU B 217 3.94 -10.53 -22.96
N ASN B 218 2.96 -10.30 -23.84
CA ASN B 218 1.65 -10.97 -23.73
C ASN B 218 1.78 -12.49 -23.95
N ASN B 219 2.63 -12.87 -24.89
CA ASN B 219 2.87 -14.26 -25.21
C ASN B 219 3.60 -14.93 -24.04
N LEU B 220 4.55 -14.21 -23.43
CA LEU B 220 5.31 -14.75 -22.31
C LEU B 220 4.40 -14.93 -21.10
N ALA B 221 3.51 -13.98 -20.85
CA ALA B 221 2.55 -14.04 -19.76
C ALA B 221 1.62 -15.24 -20.04
N LYS B 222 1.09 -15.34 -21.25
CA LYS B 222 0.21 -16.46 -21.58
C LYS B 222 0.84 -17.83 -21.28
N ALA B 223 2.10 -18.00 -21.72
CA ALA B 223 2.85 -19.24 -21.52
C ALA B 223 3.12 -19.51 -20.04
N ALA B 224 3.38 -18.43 -19.29
CA ALA B 224 3.61 -18.53 -17.84
C ALA B 224 2.35 -18.98 -17.06
N VAL B 225 1.17 -18.46 -17.41
CA VAL B 225 -0.06 -18.86 -16.71
C VAL B 225 -0.38 -20.31 -17.07
N LYS B 226 -0.04 -20.70 -18.29
CA LYS B 226 -0.21 -22.07 -18.77
C LYS B 226 0.64 -22.99 -17.91
N GLU B 227 1.92 -22.66 -17.74
CA GLU B 227 2.85 -23.44 -16.90
C GLU B 227 2.34 -23.59 -15.47
N LEU B 228 1.96 -22.47 -14.85
CA LEU B 228 1.43 -22.45 -13.49
C LEU B 228 0.21 -23.40 -13.26
N ALA B 229 -0.70 -23.45 -14.23
CA ALA B 229 -1.89 -24.30 -14.11
C ALA B 229 -1.63 -25.80 -14.20
N THR B 230 -0.45 -26.20 -14.68
CA THR B 230 -0.12 -27.62 -14.82
C THR B 230 -0.05 -28.38 -13.48
N LEU B 231 0.17 -27.65 -12.40
CA LEU B 231 0.30 -28.27 -11.09
C LEU B 231 -1.01 -28.60 -10.36
N TYR B 232 -1.86 -27.60 -10.19
CA TYR B 232 -3.11 -27.78 -9.44
C TYR B 232 -4.30 -27.18 -10.17
N GLY B 233 -4.11 -26.84 -11.45
CA GLY B 233 -5.17 -26.25 -12.25
C GLY B 233 -5.57 -24.81 -11.91
N THR B 234 -4.76 -24.11 -11.12
CA THR B 234 -5.07 -22.74 -10.74
C THR B 234 -5.09 -21.86 -11.98
N LYS B 235 -6.16 -21.08 -12.10
CA LYS B 235 -6.32 -20.22 -13.25
C LYS B 235 -5.94 -18.77 -13.01
N TYR B 236 -5.03 -18.28 -13.85
CA TYR B 236 -4.51 -16.91 -13.85
C TYR B 236 -4.90 -16.16 -15.16
N THR B 237 -5.12 -14.84 -15.04
CA THR B 237 -5.39 -13.99 -16.21
C THR B 237 -4.14 -13.11 -16.38
N TYR B 238 -4.05 -12.36 -17.47
CA TYR B 238 -2.88 -11.52 -17.73
C TYR B 238 -3.12 -10.41 -18.74
N GLY B 239 -2.18 -9.49 -18.83
CA GLY B 239 -2.30 -8.39 -19.78
C GLY B 239 -1.68 -7.12 -19.24
N PRO B 240 -1.73 -6.01 -20.00
CA PRO B 240 -1.16 -4.72 -19.58
C PRO B 240 -1.98 -4.18 -18.41
N GLY B 241 -1.32 -3.56 -17.45
CA GLY B 241 -1.98 -3.03 -16.27
C GLY B 241 -3.21 -2.16 -16.40
N ALA B 242 -3.11 -1.06 -17.17
CA ALA B 242 -4.20 -0.11 -17.34
C ALA B 242 -5.52 -0.75 -17.79
N THR B 243 -5.47 -1.50 -18.90
CA THR B 243 -6.65 -2.18 -19.41
C THR B 243 -7.10 -3.38 -18.58
N THR B 244 -6.15 -4.18 -18.09
CA THR B 244 -6.52 -5.39 -17.34
C THR B 244 -7.01 -5.10 -15.93
N ILE B 245 -6.55 -3.98 -15.37
CA ILE B 245 -6.95 -3.60 -14.03
C ILE B 245 -7.59 -2.22 -14.11
N TYR B 246 -6.76 -1.19 -14.07
CA TYR B 246 -7.18 0.20 -14.13
C TYR B 246 -5.89 1.00 -14.24
N PRO B 247 -5.96 2.19 -14.83
CA PRO B 247 -4.76 3.00 -14.95
C PRO B 247 -4.37 3.47 -13.54
N ALA B 248 -3.09 3.40 -13.24
CA ALA B 248 -2.58 3.79 -11.95
C ALA B 248 -1.14 4.22 -12.22
N ALA B 249 -0.78 5.42 -11.79
CA ALA B 249 0.57 5.93 -12.01
C ALA B 249 1.51 5.64 -10.84
N GLY B 250 2.80 5.73 -11.10
CA GLY B 250 3.82 5.54 -10.06
C GLY B 250 4.14 4.17 -9.54
N GLY B 251 3.85 3.15 -10.34
CA GLY B 251 4.12 1.77 -9.93
C GLY B 251 5.55 1.43 -10.33
N SER B 252 6.14 0.49 -9.60
CA SER B 252 7.51 0.06 -9.85
C SER B 252 7.73 -0.76 -11.13
N ASP B 253 6.68 -1.47 -11.58
CA ASP B 253 6.81 -2.25 -12.81
C ASP B 253 7.00 -1.32 -14.02
N ASP B 254 6.25 -0.22 -14.05
CA ASP B 254 6.32 0.78 -15.12
C ASP B 254 7.64 1.55 -15.03
N TRP B 255 8.03 1.90 -13.82
CA TRP B 255 9.28 2.60 -13.62
C TRP B 255 10.46 1.78 -14.09
N ALA B 256 10.54 0.51 -13.68
CA ALA B 256 11.64 -0.39 -14.06
C ALA B 256 11.70 -0.59 -15.57
N TYR B 257 10.53 -0.63 -16.19
CA TYR B 257 10.43 -0.79 -17.63
C TYR B 257 11.01 0.42 -18.35
N ASP B 258 10.63 1.61 -17.88
CA ASP B 258 11.15 2.86 -18.46
C ASP B 258 12.64 3.02 -18.20
N GLN B 259 13.19 2.25 -17.25
CA GLN B 259 14.62 2.29 -16.98
C GLN B 259 15.32 1.45 -18.02
N GLY B 260 14.54 0.68 -18.75
CA GLY B 260 15.08 -0.16 -19.80
C GLY B 260 14.95 -1.63 -19.48
N ILE B 261 14.39 -1.99 -18.34
CA ILE B 261 14.22 -3.41 -18.00
C ILE B 261 12.99 -3.92 -18.76
N LYS B 262 13.26 -4.59 -19.89
CA LYS B 262 12.26 -5.09 -20.81
C LYS B 262 11.26 -6.10 -20.32
N TYR B 263 11.68 -6.94 -19.39
CA TYR B 263 10.79 -7.94 -18.82
C TYR B 263 10.43 -7.49 -17.43
N SER B 264 9.24 -6.89 -17.30
CA SER B 264 8.73 -6.36 -16.05
C SER B 264 7.30 -6.84 -15.82
N PHE B 265 7.10 -7.56 -14.71
CA PHE B 265 5.80 -8.15 -14.36
C PHE B 265 5.35 -7.93 -12.91
N THR B 266 4.05 -7.74 -12.74
CA THR B 266 3.43 -7.62 -11.44
C THR B 266 2.60 -8.90 -11.30
N PHE B 267 2.96 -9.75 -10.34
CA PHE B 267 2.26 -10.99 -10.09
C PHE B 267 1.19 -10.80 -9.03
N GLU B 268 0.01 -11.34 -9.25
CA GLU B 268 -1.07 -11.31 -8.26
C GLU B 268 -1.31 -12.76 -7.91
N LEU B 269 -0.92 -13.17 -6.69
CA LEU B 269 -1.03 -14.58 -6.27
C LEU B 269 -2.43 -14.96 -5.80
N ARG B 270 -2.57 -16.15 -5.20
CA ARG B 270 -3.88 -16.60 -4.71
C ARG B 270 -4.44 -15.68 -3.60
N ASP B 271 -5.77 -15.61 -3.46
CA ASP B 271 -6.70 -16.35 -4.31
C ASP B 271 -7.49 -15.38 -5.19
N LYS B 272 -8.78 -15.60 -5.33
CA LYS B 272 -9.60 -14.72 -6.16
C LYS B 272 -10.67 -14.04 -5.30
N GLY B 273 -10.47 -13.96 -4.00
CA GLY B 273 -11.46 -13.31 -3.17
C GLY B 273 -12.05 -14.11 -2.02
N ARG B 274 -12.09 -15.44 -2.12
CA ARG B 274 -12.64 -16.26 -1.04
C ARG B 274 -12.00 -15.89 0.30
N TYR B 275 -10.68 -15.84 0.35
CA TYR B 275 -9.97 -15.46 1.56
C TYR B 275 -9.33 -14.12 1.33
N GLY B 276 -9.08 -13.79 0.08
CA GLY B 276 -8.50 -12.51 -0.24
C GLY B 276 -7.10 -12.38 0.30
N PHE B 277 -6.83 -11.32 1.06
CA PHE B 277 -5.52 -11.06 1.67
C PHE B 277 -5.19 -12.04 2.79
N ILE B 278 -6.24 -12.54 3.43
CA ILE B 278 -6.08 -13.49 4.52
C ILE B 278 -6.07 -14.95 4.01
N LEU B 279 -5.18 -15.24 3.04
CA LEU B 279 -5.08 -16.59 2.52
C LEU B 279 -4.58 -17.50 3.65
N PRO B 280 -5.27 -18.61 3.89
CA PRO B 280 -4.78 -19.45 4.98
C PRO B 280 -3.40 -20.06 4.81
N GLU B 281 -2.75 -20.28 5.94
CA GLU B 281 -1.43 -20.89 5.95
C GLU B 281 -1.44 -22.24 5.24
N SER B 282 -2.56 -22.93 5.26
CA SER B 282 -2.63 -24.25 4.61
C SER B 282 -2.43 -24.19 3.10
N GLN B 283 -2.56 -23.00 2.52
CA GLN B 283 -2.38 -22.83 1.08
C GLN B 283 -1.03 -22.27 0.66
N ILE B 284 -0.19 -21.91 1.62
CA ILE B 284 1.12 -21.36 1.29
C ILE B 284 1.95 -22.26 0.38
N GLN B 285 2.06 -23.55 0.71
CA GLN B 285 2.88 -24.42 -0.10
C GLN B 285 2.43 -24.68 -1.54
N ALA B 286 1.14 -24.91 -1.76
CA ALA B 286 0.61 -25.13 -3.11
C ALA B 286 0.75 -23.83 -3.93
N THR B 287 0.46 -22.69 -3.31
CA THR B 287 0.57 -21.35 -3.96
C THR B 287 2.03 -21.09 -4.38
N CYS B 288 2.97 -21.31 -3.47
CA CYS B 288 4.40 -21.10 -3.76
C CYS B 288 4.92 -22.07 -4.83
N GLU B 289 4.53 -23.34 -4.77
CA GLU B 289 4.99 -24.29 -5.76
C GLU B 289 4.53 -23.98 -7.17
N GLU B 290 3.26 -23.62 -7.33
CA GLU B 290 2.74 -23.28 -8.66
C GLU B 290 3.36 -21.94 -9.14
N THR B 291 3.57 -21.00 -8.22
CA THR B 291 4.15 -19.69 -8.57
C THR B 291 5.61 -19.89 -9.00
N MET B 292 6.28 -20.87 -8.40
CA MET B 292 7.65 -21.18 -8.76
C MET B 292 7.72 -21.57 -10.25
N LEU B 293 6.74 -22.34 -10.72
CA LEU B 293 6.74 -22.77 -12.12
C LEU B 293 6.63 -21.60 -13.09
N ALA B 294 5.88 -20.57 -12.71
CA ALA B 294 5.75 -19.40 -13.55
C ALA B 294 7.03 -18.55 -13.49
N ILE B 295 7.63 -18.40 -12.31
CA ILE B 295 8.84 -17.60 -12.15
C ILE B 295 10.01 -18.23 -12.91
N LYS B 296 10.12 -19.56 -12.84
CA LYS B 296 11.19 -20.31 -13.52
C LYS B 296 11.00 -20.24 -15.02
N TYR B 297 9.74 -20.27 -15.45
CA TYR B 297 9.40 -20.19 -16.87
C TYR B 297 9.90 -18.85 -17.39
N VAL B 298 9.62 -17.77 -16.63
CA VAL B 298 10.06 -16.43 -17.03
C VAL B 298 11.58 -16.31 -17.01
N THR B 299 12.20 -16.88 -15.99
CA THR B 299 13.66 -16.85 -15.83
C THR B 299 14.33 -17.51 -17.04
N ASN B 300 13.87 -18.70 -17.40
CA ASN B 300 14.42 -19.42 -18.53
C ASN B 300 14.24 -18.65 -19.83
N TYR B 301 13.10 -17.99 -19.97
CA TYR B 301 12.86 -17.19 -21.18
C TYR B 301 13.87 -16.05 -21.26
N VAL B 302 14.00 -15.26 -20.19
CA VAL B 302 14.93 -14.12 -20.13
C VAL B 302 16.36 -14.56 -20.46
N LEU B 303 16.76 -15.73 -19.96
CA LEU B 303 18.09 -16.28 -20.22
C LEU B 303 18.32 -16.46 -21.71
N GLY B 304 17.25 -16.82 -22.42
CA GLY B 304 17.35 -17.01 -23.85
C GLY B 304 17.23 -15.71 -24.61
N HIS B 305 16.96 -14.60 -23.92
CA HIS B 305 16.79 -13.31 -24.60
C HIS B 305 17.36 -12.13 -23.80
N LEU B 306 18.67 -12.08 -23.58
CA LEU B 306 19.22 -10.95 -22.81
C LEU B 306 20.38 -10.18 -23.45
N THR C 2 -41.47 22.50 -11.68
CA THR C 2 -41.93 21.20 -11.18
C THR C 2 -40.77 20.22 -10.90
N GLY C 3 -40.77 19.63 -9.71
CA GLY C 3 -39.74 18.68 -9.32
C GLY C 3 -39.59 17.50 -10.27
N HIS C 4 -38.34 17.17 -10.57
CA HIS C 4 -38.02 16.08 -11.48
C HIS C 4 -38.21 14.72 -10.84
N SER C 5 -38.72 13.80 -11.66
CA SER C 5 -38.93 12.42 -11.23
C SER C 5 -38.70 11.48 -12.39
N TYR C 6 -37.92 10.43 -12.13
CA TYR C 6 -37.61 9.40 -13.12
C TYR C 6 -38.79 8.45 -13.33
N GLU C 7 -39.80 8.51 -12.46
CA GLU C 7 -40.97 7.65 -12.64
C GLU C 7 -42.18 8.50 -13.01
N LYS C 8 -41.91 9.66 -13.58
CA LYS C 8 -42.95 10.56 -14.05
C LYS C 8 -42.39 11.10 -15.36
N TYR C 9 -43.28 11.59 -16.23
CA TYR C 9 -42.85 12.18 -17.49
C TYR C 9 -42.66 13.67 -17.12
N ASN C 10 -41.46 14.16 -17.37
CA ASN C 10 -41.06 15.53 -17.04
C ASN C 10 -41.13 16.43 -18.26
N ASN C 11 -41.66 17.64 -18.10
CA ASN C 11 -41.71 18.57 -19.22
C ASN C 11 -40.29 19.04 -19.57
N TRP C 12 -40.12 19.78 -20.67
CA TRP C 12 -38.79 20.21 -21.06
C TRP C 12 -38.11 21.08 -20.02
N GLU C 13 -38.84 22.03 -19.47
CA GLU C 13 -38.28 22.92 -18.47
C GLU C 13 -37.62 22.11 -17.34
N THR C 14 -38.31 21.06 -16.89
CA THR C 14 -37.84 20.16 -15.83
C THR C 14 -36.63 19.32 -16.27
N ILE C 15 -36.67 18.77 -17.49
CA ILE C 15 -35.55 17.96 -18.01
C ILE C 15 -34.33 18.87 -18.21
N GLU C 16 -34.59 20.04 -18.76
CA GLU C 16 -33.58 21.05 -19.01
C GLU C 16 -32.82 21.30 -17.70
N ALA C 17 -33.56 21.69 -16.66
CA ALA C 17 -33.01 21.98 -15.33
C ALA C 17 -32.26 20.77 -14.74
N TRP C 18 -32.83 19.58 -14.91
CA TRP C 18 -32.25 18.33 -14.46
C TRP C 18 -30.87 18.10 -15.09
N THR C 19 -30.70 18.38 -16.39
CA THR C 19 -29.37 18.18 -16.99
C THR C 19 -28.31 19.01 -16.24
N LYS C 20 -28.70 20.22 -15.86
CA LYS C 20 -27.82 21.13 -15.18
C LYS C 20 -27.51 20.64 -13.77
N GLN C 21 -28.57 20.24 -13.07
CA GLN C 21 -28.51 19.77 -11.71
C GLN C 21 -27.75 18.45 -11.54
N VAL C 22 -28.15 17.40 -12.26
CA VAL C 22 -27.49 16.10 -12.16
C VAL C 22 -26.00 16.22 -12.52
N THR C 23 -25.67 17.17 -13.38
CA THR C 23 -24.29 17.39 -13.77
C THR C 23 -23.54 18.02 -12.60
N SER C 24 -24.19 18.95 -11.91
CA SER C 24 -23.59 19.62 -10.77
C SER C 24 -23.38 18.69 -9.60
N GLU C 25 -24.31 17.76 -9.44
CA GLU C 25 -24.26 16.76 -8.39
C GLU C 25 -23.25 15.66 -8.66
N ASN C 26 -22.87 15.46 -9.93
CA ASN C 26 -21.91 14.42 -10.30
C ASN C 26 -20.81 14.93 -11.21
N PRO C 27 -20.00 15.91 -10.75
CA PRO C 27 -18.92 16.45 -11.58
C PRO C 27 -17.76 15.52 -11.93
N ASP C 28 -17.72 14.34 -11.34
CA ASP C 28 -16.63 13.41 -11.65
C ASP C 28 -17.16 12.28 -12.53
N LEU C 29 -18.39 12.41 -13.01
CA LEU C 29 -19.00 11.38 -13.83
C LEU C 29 -19.79 11.97 -14.99
N ILE C 30 -20.37 13.15 -14.79
CA ILE C 30 -21.18 13.78 -15.83
C ILE C 30 -20.73 15.19 -16.20
N SER C 31 -20.66 15.44 -17.51
CA SER C 31 -20.30 16.74 -18.07
C SER C 31 -21.45 17.01 -19.04
N ARG C 32 -21.72 18.28 -19.30
CA ARG C 32 -22.81 18.65 -20.17
C ARG C 32 -22.49 19.77 -21.14
N THR C 33 -22.87 19.57 -22.40
CA THR C 33 -22.68 20.56 -23.45
C THR C 33 -23.98 20.71 -24.24
N ALA C 34 -24.03 21.73 -25.08
CA ALA C 34 -25.15 22.01 -25.94
C ALA C 34 -24.53 21.83 -27.32
N ILE C 35 -24.99 20.85 -28.09
CA ILE C 35 -24.44 20.59 -29.42
C ILE C 35 -25.06 21.46 -30.53
N GLY C 36 -25.90 22.41 -30.14
CA GLY C 36 -26.55 23.27 -31.11
C GLY C 36 -27.90 23.72 -30.59
N THR C 37 -28.68 24.36 -31.44
CA THR C 37 -30.00 24.82 -31.07
C THR C 37 -31.04 24.29 -32.04
N THR C 38 -32.27 24.15 -31.54
CA THR C 38 -33.37 23.63 -32.32
C THR C 38 -33.88 24.76 -33.22
N PHE C 39 -34.96 24.50 -33.96
CA PHE C 39 -35.55 25.52 -34.83
C PHE C 39 -36.09 26.69 -33.99
N LEU C 40 -36.71 26.37 -32.84
CA LEU C 40 -37.28 27.37 -31.93
C LEU C 40 -36.25 27.96 -30.98
N GLY C 41 -34.98 27.60 -31.20
CA GLY C 41 -33.89 28.09 -30.37
C GLY C 41 -33.56 27.42 -29.05
N ASN C 42 -34.12 26.25 -28.76
CA ASN C 42 -33.80 25.58 -27.52
C ASN C 42 -32.46 24.88 -27.65
N ASN C 43 -31.71 24.79 -26.55
CA ASN C 43 -30.39 24.15 -26.57
C ASN C 43 -30.46 22.61 -26.56
N ILE C 44 -29.78 21.98 -27.52
CA ILE C 44 -29.76 20.52 -27.60
C ILE C 44 -28.65 20.03 -26.65
N TYR C 45 -29.04 19.68 -25.43
CA TYR C 45 -28.08 19.22 -24.45
C TYR C 45 -27.62 17.78 -24.65
N LEU C 46 -26.35 17.58 -24.33
CA LEU C 46 -25.70 16.27 -24.41
C LEU C 46 -24.87 16.03 -23.12
N LEU C 47 -25.17 14.93 -22.43
CA LEU C 47 -24.43 14.58 -21.23
C LEU C 47 -23.36 13.57 -21.61
N LYS C 48 -22.17 13.78 -21.09
CA LYS C 48 -21.07 12.87 -21.34
C LYS C 48 -20.87 12.11 -20.03
N VAL C 49 -21.48 10.94 -19.92
CA VAL C 49 -21.39 10.11 -18.71
C VAL C 49 -20.21 9.12 -18.69
N GLY C 50 -19.46 9.16 -17.59
CA GLY C 50 -18.31 8.28 -17.44
C GLY C 50 -17.15 8.98 -16.75
N LYS C 51 -16.45 8.23 -15.91
CA LYS C 51 -15.29 8.72 -15.18
C LYS C 51 -14.33 9.32 -16.21
N PRO C 52 -14.13 10.66 -16.16
CA PRO C 52 -13.25 11.39 -17.08
C PRO C 52 -11.86 10.79 -17.24
N GLY C 53 -11.30 10.91 -18.44
CA GLY C 53 -9.97 10.39 -18.73
C GLY C 53 -9.50 10.79 -20.13
N PRO C 54 -8.20 10.64 -20.43
CA PRO C 54 -7.69 11.00 -21.76
C PRO C 54 -8.13 9.96 -22.78
N ASN C 55 -8.74 10.41 -23.88
CA ASN C 55 -9.22 9.53 -24.93
C ASN C 55 -10.43 8.67 -24.48
N LYS C 56 -10.34 7.34 -24.53
CA LYS C 56 -11.46 6.44 -24.16
C LYS C 56 -12.45 6.34 -25.32
N PRO C 57 -12.98 5.14 -25.59
CA PRO C 57 -13.94 4.98 -26.68
C PRO C 57 -15.28 5.53 -26.18
N ALA C 58 -16.32 5.47 -27.00
CA ALA C 58 -17.59 5.97 -26.57
C ALA C 58 -18.71 5.16 -27.14
N ILE C 59 -19.92 5.51 -26.72
CA ILE C 59 -21.15 4.89 -27.16
C ILE C 59 -22.13 6.06 -27.16
N PHE C 60 -22.77 6.31 -28.30
CA PHE C 60 -23.72 7.41 -28.39
C PHE C 60 -25.12 6.88 -28.28
N MET C 61 -25.92 7.52 -27.44
CA MET C 61 -27.30 7.15 -27.29
C MET C 61 -28.14 8.41 -27.25
N ASP C 62 -29.21 8.46 -28.03
CA ASP C 62 -30.07 9.60 -28.02
C ASP C 62 -31.48 9.09 -27.77
N CYS C 63 -32.32 10.01 -27.33
CA CYS C 63 -33.72 9.75 -27.10
C CYS C 63 -34.50 10.93 -27.65
N GLY C 64 -35.82 10.79 -27.64
CA GLY C 64 -36.68 11.86 -28.07
C GLY C 64 -36.59 12.34 -29.51
N PHE C 65 -36.38 11.44 -30.45
CA PHE C 65 -36.36 11.83 -31.86
C PHE C 65 -37.78 12.25 -32.17
N HIS C 66 -38.71 11.39 -31.80
CA HIS C 66 -40.13 11.64 -32.05
C HIS C 66 -40.81 12.12 -30.78
N ALA C 67 -41.46 13.28 -30.91
CA ALA C 67 -42.12 13.97 -29.82
C ALA C 67 -43.08 13.15 -28.95
N ARG C 68 -44.05 12.45 -29.54
CA ARG C 68 -45.00 11.61 -28.79
C ARG C 68 -44.47 10.36 -28.03
N GLU C 69 -43.31 9.85 -28.41
CA GLU C 69 -42.72 8.68 -27.77
C GLU C 69 -42.08 8.99 -26.41
N TRP C 70 -42.90 9.51 -25.49
CA TRP C 70 -42.48 9.90 -24.14
C TRP C 70 -41.63 8.92 -23.35
N ILE C 71 -41.95 7.62 -23.37
CA ILE C 71 -41.14 6.63 -22.65
C ILE C 71 -39.67 6.68 -23.08
N SER C 72 -39.43 7.15 -24.29
CA SER C 72 -38.09 7.27 -24.86
C SER C 72 -37.31 8.32 -24.07
N HIS C 73 -37.88 9.51 -23.93
CA HIS C 73 -37.21 10.56 -23.19
C HIS C 73 -37.06 10.08 -21.75
N ALA C 74 -38.09 9.42 -21.25
CA ALA C 74 -38.10 8.87 -19.88
C ALA C 74 -36.93 7.93 -19.68
N PHE C 75 -36.65 7.09 -20.67
CA PHE C 75 -35.54 6.16 -20.57
C PHE C 75 -34.13 6.77 -20.56
N CYS C 76 -33.85 7.83 -21.31
CA CYS C 76 -32.49 8.40 -21.27
C CYS C 76 -32.17 8.98 -19.90
N GLN C 77 -33.19 9.45 -19.18
CA GLN C 77 -33.00 10.00 -17.84
C GLN C 77 -32.75 8.82 -16.90
N TRP C 78 -33.54 7.78 -17.07
CA TRP C 78 -33.39 6.58 -16.26
C TRP C 78 -31.99 6.01 -16.34
N PHE C 79 -31.43 5.91 -17.54
CA PHE C 79 -30.08 5.39 -17.69
C PHE C 79 -29.16 6.21 -16.79
N VAL C 80 -29.27 7.54 -16.83
CA VAL C 80 -28.44 8.40 -16.00
C VAL C 80 -28.74 8.21 -14.50
N ARG C 81 -29.98 7.83 -14.17
CA ARG C 81 -30.34 7.55 -12.78
C ARG C 81 -29.57 6.32 -12.31
N GLU C 82 -29.55 5.28 -13.16
CA GLU C 82 -28.86 4.01 -12.88
C GLU C 82 -27.36 4.19 -12.75
N ALA C 83 -26.77 5.01 -13.61
CA ALA C 83 -25.36 5.33 -13.44
C ALA C 83 -25.62 6.29 -12.25
N VAL C 84 -24.71 6.35 -11.29
CA VAL C 84 -24.83 7.18 -10.04
C VAL C 84 -25.27 6.32 -8.86
N LEU C 85 -26.50 5.80 -8.85
CA LEU C 85 -26.90 4.94 -7.75
C LEU C 85 -26.23 3.57 -7.87
N THR C 86 -25.59 3.37 -9.03
CA THR C 86 -24.91 2.12 -9.35
C THR C 86 -23.41 2.21 -9.67
N TYR C 87 -22.91 3.36 -10.07
CA TYR C 87 -21.48 3.43 -10.35
C TYR C 87 -20.72 3.38 -9.04
N GLY C 88 -19.71 2.52 -8.99
CA GLY C 88 -18.91 2.36 -7.79
C GLY C 88 -19.66 1.53 -6.75
N TYR C 89 -20.71 0.85 -7.21
CA TYR C 89 -21.53 -0.01 -6.36
C TYR C 89 -21.66 -1.35 -7.06
N GLU C 90 -21.94 -1.29 -8.35
CA GLU C 90 -22.13 -2.45 -9.22
C GLU C 90 -20.93 -2.48 -10.16
N SER C 91 -20.20 -3.59 -10.14
CA SER C 91 -19.00 -3.80 -10.95
C SER C 91 -19.07 -3.59 -12.49
N HIS C 92 -20.18 -3.99 -13.12
CA HIS C 92 -20.27 -3.83 -14.55
C HIS C 92 -20.40 -2.37 -14.95
N MET C 93 -21.36 -1.68 -14.33
CA MET C 93 -21.57 -0.27 -14.64
C MET C 93 -20.32 0.50 -14.27
N THR C 94 -19.67 0.08 -13.21
CA THR C 94 -18.49 0.76 -12.78
C THR C 94 -17.46 0.62 -13.88
N GLU C 95 -17.30 -0.59 -14.40
CA GLU C 95 -16.31 -0.80 -15.45
C GLU C 95 -16.64 -0.08 -16.77
N PHE C 96 -17.92 -0.11 -17.14
CA PHE C 96 -18.35 0.54 -18.36
C PHE C 96 -17.93 2.00 -18.32
N LEU C 97 -18.51 2.74 -17.37
CA LEU C 97 -18.21 4.17 -17.21
C LEU C 97 -16.77 4.46 -16.84
N ASN C 98 -16.03 3.41 -16.53
CA ASN C 98 -14.63 3.56 -16.20
C ASN C 98 -13.76 3.51 -17.46
N LYS C 99 -14.08 2.56 -18.33
CA LYS C 99 -13.32 2.36 -19.57
C LYS C 99 -13.77 3.18 -20.79
N LEU C 100 -15.04 3.57 -20.82
CA LEU C 100 -15.55 4.35 -21.94
C LEU C 100 -16.56 5.41 -21.56
N ASP C 101 -16.71 6.40 -22.43
CA ASP C 101 -17.67 7.48 -22.22
C ASP C 101 -19.02 7.10 -22.84
N PHE C 102 -20.08 7.62 -22.25
CA PHE C 102 -21.42 7.33 -22.69
C PHE C 102 -22.16 8.65 -22.93
N TYR C 103 -22.29 9.02 -24.21
CA TYR C 103 -23.00 10.24 -24.59
C TYR C 103 -24.50 9.98 -24.57
N VAL C 104 -25.20 10.69 -23.69
CA VAL C 104 -26.66 10.56 -23.56
C VAL C 104 -27.30 11.90 -23.95
N LEU C 105 -27.99 11.89 -25.09
CA LEU C 105 -28.70 13.05 -25.63
C LEU C 105 -30.14 12.73 -25.24
N PRO C 106 -30.58 13.28 -24.10
CA PRO C 106 -31.91 13.09 -23.54
C PRO C 106 -33.09 13.31 -24.47
N VAL C 107 -33.08 14.44 -25.17
CA VAL C 107 -34.18 14.81 -26.08
C VAL C 107 -33.57 15.51 -27.28
N LEU C 108 -33.68 14.90 -28.46
CA LEU C 108 -33.16 15.52 -29.67
C LEU C 108 -34.16 16.57 -30.16
N ASN C 109 -35.41 16.13 -30.36
CA ASN C 109 -36.52 16.95 -30.87
C ASN C 109 -37.23 17.65 -29.71
N ILE C 110 -36.57 18.68 -29.16
CA ILE C 110 -37.09 19.45 -28.04
C ILE C 110 -38.33 20.27 -28.42
N ASP C 111 -38.32 20.89 -29.60
CA ASP C 111 -39.47 21.68 -30.01
C ASP C 111 -40.71 20.82 -30.10
N GLY C 112 -40.58 19.64 -30.72
CA GLY C 112 -41.72 18.74 -30.82
C GLY C 112 -42.16 18.21 -29.45
N TYR C 113 -41.20 17.91 -28.58
CA TYR C 113 -41.52 17.42 -27.24
C TYR C 113 -42.38 18.47 -26.52
N ILE C 114 -41.98 19.75 -26.59
CA ILE C 114 -42.75 20.82 -25.97
C ILE C 114 -44.18 20.89 -26.53
N TYR C 115 -44.33 20.75 -27.84
CA TYR C 115 -45.63 20.77 -28.46
C TYR C 115 -46.53 19.63 -27.97
N THR C 116 -45.98 18.47 -27.63
CA THR C 116 -46.83 17.37 -27.14
C THR C 116 -47.38 17.66 -25.74
N TRP C 117 -46.64 18.48 -25.00
CA TRP C 117 -47.04 18.87 -23.68
C TRP C 117 -47.99 20.06 -23.73
N THR C 118 -47.78 20.95 -24.68
CA THR C 118 -48.60 22.15 -24.78
C THR C 118 -49.85 22.14 -25.67
N LYS C 119 -49.80 21.44 -26.81
CA LYS C 119 -50.91 21.42 -27.74
C LYS C 119 -51.37 20.06 -28.27
N ASN C 120 -50.44 19.31 -28.82
CA ASN C 120 -50.77 18.06 -29.47
C ASN C 120 -49.95 16.88 -28.98
N ARG C 121 -50.52 16.12 -28.04
CA ARG C 121 -49.87 14.94 -27.44
C ARG C 121 -49.33 13.93 -28.46
N MET C 122 -49.93 13.91 -29.64
CA MET C 122 -49.53 12.96 -30.66
C MET C 122 -48.55 13.48 -31.73
N TRP C 123 -48.03 14.69 -31.55
CA TRP C 123 -47.10 15.26 -32.52
C TRP C 123 -45.87 14.35 -32.62
N ARG C 124 -45.31 14.22 -33.82
CA ARG C 124 -44.15 13.36 -34.04
C ARG C 124 -42.91 14.07 -34.59
N LYS C 125 -43.12 14.92 -35.58
CA LYS C 125 -42.03 15.60 -36.27
C LYS C 125 -41.45 16.79 -35.51
N THR C 126 -40.53 17.50 -36.17
CA THR C 126 -39.92 18.72 -35.62
C THR C 126 -41.02 19.80 -35.71
N ARG C 127 -40.68 21.04 -35.37
CA ARG C 127 -41.66 22.10 -35.42
C ARG C 127 -41.29 23.25 -36.35
N SER C 128 -40.40 22.97 -37.31
CA SER C 128 -40.00 24.00 -38.27
C SER C 128 -41.06 24.24 -39.35
N THR C 129 -41.09 25.46 -39.86
CA THR C 129 -42.02 25.82 -40.91
C THR C 129 -41.48 25.29 -42.25
N ASN C 130 -42.37 25.17 -43.22
CA ASN C 130 -42.04 24.69 -44.56
C ASN C 130 -42.52 25.79 -45.50
N ALA C 131 -41.62 26.23 -46.39
CA ALA C 131 -41.92 27.30 -47.35
C ALA C 131 -43.05 26.89 -48.29
N GLY C 132 -43.97 27.83 -48.52
CA GLY C 132 -45.09 27.56 -49.42
C GLY C 132 -46.17 26.61 -48.91
N THR C 133 -46.26 26.46 -47.61
CA THR C 133 -47.27 25.61 -47.02
C THR C 133 -47.44 25.96 -45.55
N THR C 134 -48.63 25.70 -45.03
CA THR C 134 -48.96 25.97 -43.65
C THR C 134 -48.51 24.78 -42.75
N CYS C 135 -48.27 23.65 -43.39
CA CYS C 135 -47.85 22.41 -42.74
C CYS C 135 -46.47 22.56 -42.08
N ILE C 136 -46.38 22.05 -40.85
CA ILE C 136 -45.17 22.14 -40.00
C ILE C 136 -44.40 20.84 -39.74
N GLY C 137 -43.08 20.95 -39.70
CA GLY C 137 -42.24 19.84 -39.35
C GLY C 137 -41.78 18.82 -40.36
N THR C 138 -40.62 18.25 -40.08
CA THR C 138 -39.95 17.23 -40.86
C THR C 138 -39.73 16.03 -39.90
N ASP C 139 -39.87 14.80 -40.40
CA ASP C 139 -39.62 13.61 -39.58
C ASP C 139 -38.09 13.54 -39.52
N PRO C 140 -37.51 13.72 -38.31
CA PRO C 140 -36.04 13.68 -38.09
C PRO C 140 -35.40 12.36 -38.51
N ASN C 141 -36.13 11.26 -38.36
CA ASN C 141 -35.62 9.95 -38.73
C ASN C 141 -35.85 9.61 -40.20
N ARG C 142 -36.13 10.63 -41.01
CA ARG C 142 -36.27 10.48 -42.46
C ARG C 142 -35.42 11.62 -43.04
N ASN C 143 -34.72 12.31 -42.16
CA ASN C 143 -33.93 13.47 -42.56
C ASN C 143 -32.43 13.22 -42.62
N PHE C 144 -32.01 11.98 -42.36
CA PHE C 144 -30.59 11.70 -42.42
C PHE C 144 -30.13 11.32 -43.81
N ASP C 145 -28.83 11.52 -44.07
CA ASP C 145 -28.18 11.25 -45.34
C ASP C 145 -27.88 9.75 -45.54
N ALA C 146 -28.93 8.92 -45.58
CA ALA C 146 -28.83 7.48 -45.77
C ALA C 146 -29.87 7.07 -46.84
N GLY C 147 -29.47 7.12 -48.09
CA GLY C 147 -30.39 6.81 -49.18
C GLY C 147 -31.53 7.78 -49.03
N TRP C 148 -31.20 9.02 -48.65
CA TRP C 148 -32.16 10.08 -48.37
C TRP C 148 -33.41 10.18 -49.22
N CYS C 149 -34.54 9.93 -48.55
CA CYS C 149 -35.90 9.98 -49.10
C CYS C 149 -36.11 9.04 -50.27
N THR C 150 -35.29 8.00 -50.39
CA THR C 150 -35.46 7.07 -51.50
C THR C 150 -36.68 6.21 -51.33
N THR C 151 -36.98 5.84 -50.09
CA THR C 151 -38.13 4.99 -49.80
C THR C 151 -38.64 5.15 -48.36
N GLY C 152 -39.91 4.78 -48.15
CA GLY C 152 -40.55 4.86 -46.84
C GLY C 152 -40.58 6.24 -46.18
N ALA C 153 -40.57 7.30 -47.00
CA ALA C 153 -40.56 8.66 -46.51
C ALA C 153 -41.43 9.50 -47.43
N SER C 154 -42.17 10.45 -46.89
CA SER C 154 -43.02 11.27 -47.74
C SER C 154 -42.31 12.51 -48.27
N THR C 155 -42.73 12.96 -49.43
CA THR C 155 -42.17 14.17 -49.99
C THR C 155 -43.19 15.30 -49.70
N ASP C 156 -44.29 14.97 -49.02
CA ASP C 156 -45.32 15.97 -48.68
C ASP C 156 -45.11 16.49 -47.27
N PRO C 157 -44.89 17.82 -47.11
CA PRO C 157 -44.66 18.46 -45.80
C PRO C 157 -45.79 18.18 -44.82
N CYS C 158 -46.99 17.99 -45.37
CA CYS C 158 -48.17 17.72 -44.55
C CYS C 158 -48.24 16.31 -43.97
N ASP C 159 -47.28 15.46 -44.29
CA ASP C 159 -47.26 14.10 -43.79
C ASP C 159 -46.32 13.89 -42.59
N GLU C 160 -46.60 12.84 -41.80
CA GLU C 160 -45.81 12.53 -40.60
C GLU C 160 -44.40 12.01 -40.86
N THR C 161 -44.19 11.46 -42.05
CA THR C 161 -42.87 10.94 -42.40
C THR C 161 -42.16 11.81 -43.45
N TYR C 162 -42.55 13.08 -43.53
CA TYR C 162 -41.93 14.01 -44.48
C TYR C 162 -40.40 13.96 -44.31
N CYS C 163 -39.68 13.75 -45.42
CA CYS C 163 -38.22 13.64 -45.36
C CYS C 163 -37.46 14.95 -45.27
N GLY C 164 -38.16 16.06 -45.40
CA GLY C 164 -37.51 17.37 -45.34
C GLY C 164 -37.10 17.86 -46.72
N SER C 165 -36.60 19.09 -46.78
CA SER C 165 -36.18 19.68 -48.03
C SER C 165 -34.83 19.16 -48.58
N ALA C 166 -34.07 18.47 -47.73
CA ALA C 166 -32.77 17.88 -48.07
C ALA C 166 -32.29 17.10 -46.84
N ALA C 167 -31.33 16.21 -47.02
CA ALA C 167 -30.80 15.46 -45.88
C ALA C 167 -30.12 16.50 -45.00
N GLU C 168 -30.44 16.47 -43.70
CA GLU C 168 -29.91 17.40 -42.68
C GLU C 168 -30.44 18.81 -42.78
N SER C 169 -31.61 18.94 -43.39
CA SER C 169 -32.23 20.24 -43.50
C SER C 169 -32.59 20.76 -42.10
N GLU C 170 -32.84 19.85 -41.17
CA GLU C 170 -33.21 20.22 -39.80
C GLU C 170 -31.97 20.58 -38.95
N LYS C 171 -32.11 21.62 -38.13
CA LYS C 171 -31.01 22.06 -37.28
C LYS C 171 -30.60 20.95 -36.32
N GLU C 172 -31.61 20.25 -35.81
CA GLU C 172 -31.39 19.17 -34.85
C GLU C 172 -30.61 18.00 -35.42
N THR C 173 -30.99 17.55 -36.62
CA THR C 173 -30.33 16.44 -37.29
C THR C 173 -28.93 16.85 -37.77
N LYS C 174 -28.79 18.09 -38.19
CA LYS C 174 -27.51 18.65 -38.64
C LYS C 174 -26.57 18.70 -37.42
N ALA C 175 -27.08 19.15 -36.27
CA ALA C 175 -26.32 19.22 -35.02
C ALA C 175 -25.91 17.80 -34.57
N LEU C 176 -26.84 16.85 -34.66
CA LEU C 176 -26.55 15.47 -34.29
C LEU C 176 -25.50 14.89 -35.25
N ALA C 177 -25.74 15.01 -36.55
CA ALA C 177 -24.83 14.51 -37.57
C ALA C 177 -23.43 15.09 -37.41
N ASP C 178 -23.37 16.41 -37.22
CA ASP C 178 -22.11 17.12 -37.03
C ASP C 178 -21.35 16.61 -35.83
N PHE C 179 -22.03 16.43 -34.71
CA PHE C 179 -21.35 15.93 -33.51
C PHE C 179 -20.71 14.55 -33.66
N ILE C 180 -21.49 13.61 -34.18
CA ILE C 180 -21.01 12.26 -34.41
C ILE C 180 -19.84 12.29 -35.40
N ARG C 181 -19.90 13.19 -36.39
CA ARG C 181 -18.82 13.32 -37.37
C ARG C 181 -17.56 13.88 -36.75
N ASN C 182 -17.72 14.74 -35.77
CA ASN C 182 -16.57 15.33 -35.13
C ASN C 182 -15.92 14.45 -34.08
N ASN C 183 -16.59 13.36 -33.71
CA ASN C 183 -16.06 12.45 -32.69
C ASN C 183 -16.18 11.01 -33.15
N LEU C 184 -16.16 10.83 -34.46
CA LEU C 184 -16.31 9.51 -35.08
C LEU C 184 -15.33 8.42 -34.67
N SER C 185 -14.03 8.72 -34.62
CA SER C 185 -13.02 7.72 -34.26
C SER C 185 -13.08 7.21 -32.80
N SER C 186 -13.98 7.76 -31.99
CA SER C 186 -14.15 7.35 -30.60
C SER C 186 -15.46 6.60 -30.43
N ILE C 187 -16.49 7.04 -31.16
CA ILE C 187 -17.79 6.40 -31.06
C ILE C 187 -17.72 5.04 -31.75
N LYS C 188 -18.11 4.01 -31.02
CA LYS C 188 -18.06 2.66 -31.54
C LYS C 188 -19.43 2.02 -31.55
N ALA C 189 -20.39 2.71 -30.97
CA ALA C 189 -21.76 2.21 -30.92
C ALA C 189 -22.73 3.40 -30.96
N TYR C 190 -23.83 3.20 -31.69
CA TYR C 190 -24.89 4.20 -31.83
C TYR C 190 -26.21 3.54 -31.45
N LEU C 191 -26.85 4.04 -30.41
CA LEU C 191 -28.12 3.48 -29.96
C LEU C 191 -29.13 4.61 -29.97
N THR C 192 -30.28 4.36 -30.56
CA THR C 192 -31.31 5.36 -30.67
C THR C 192 -32.65 4.79 -30.16
N ILE C 193 -33.19 5.44 -29.14
CA ILE C 193 -34.40 4.98 -28.49
C ILE C 193 -35.68 5.59 -29.04
N HIS C 194 -36.63 4.71 -29.34
CA HIS C 194 -37.96 5.06 -29.87
C HIS C 194 -39.07 4.28 -29.11
N SER C 195 -40.32 4.40 -29.55
CA SER C 195 -41.43 3.68 -28.96
C SER C 195 -42.62 3.84 -29.91
N TYR C 196 -43.56 2.90 -29.91
CA TYR C 196 -43.57 1.68 -29.08
C TYR C 196 -43.51 0.52 -30.06
N SER C 197 -43.59 -0.73 -29.56
CA SER C 197 -43.56 -1.95 -30.38
C SER C 197 -42.90 -3.13 -29.71
N GLN C 198 -41.88 -2.85 -28.91
CA GLN C 198 -41.11 -3.90 -28.24
C GLN C 198 -40.34 -4.65 -29.33
N MET C 199 -39.26 -4.04 -29.81
CA MET C 199 -38.40 -4.59 -30.87
C MET C 199 -37.01 -3.99 -30.80
N ILE C 200 -36.06 -4.66 -31.42
CA ILE C 200 -34.68 -4.15 -31.53
C ILE C 200 -34.38 -4.38 -33.01
N LEU C 201 -33.92 -3.33 -33.70
CA LEU C 201 -33.61 -3.40 -35.12
C LEU C 201 -32.21 -2.85 -35.37
N TYR C 202 -31.56 -3.37 -36.41
CA TYR C 202 -30.22 -2.92 -36.80
C TYR C 202 -30.29 -2.69 -38.31
N PRO C 203 -29.26 -2.06 -38.93
CA PRO C 203 -29.29 -1.80 -40.38
C PRO C 203 -29.50 -3.07 -41.25
N TYR C 204 -30.06 -2.91 -42.47
CA TYR C 204 -30.49 -1.63 -43.05
C TYR C 204 -31.99 -1.55 -43.14
N SER C 205 -32.49 -0.32 -43.15
CA SER C 205 -33.91 -0.04 -43.29
C SER C 205 -34.17 0.60 -44.66
N TYR C 206 -33.22 1.36 -45.18
CA TYR C 206 -33.42 2.05 -46.46
C TYR C 206 -33.27 1.17 -47.67
N ASP C 207 -32.71 -0.02 -47.46
CA ASP C 207 -32.49 -0.97 -48.53
C ASP C 207 -32.56 -2.38 -47.97
N TYR C 208 -32.89 -3.36 -48.81
CA TYR C 208 -32.96 -4.74 -48.37
C TYR C 208 -31.61 -5.42 -48.17
N LYS C 209 -30.52 -4.70 -48.46
CA LYS C 209 -29.16 -5.22 -48.28
C LYS C 209 -28.82 -5.33 -46.78
N LEU C 210 -27.99 -6.31 -46.46
CA LEU C 210 -27.59 -6.56 -45.10
C LEU C 210 -26.21 -6.03 -44.81
N PRO C 211 -25.97 -5.56 -43.57
CA PRO C 211 -24.66 -5.02 -43.19
C PRO C 211 -23.59 -6.09 -43.30
N GLU C 212 -22.37 -5.65 -43.55
CA GLU C 212 -21.21 -6.52 -43.65
C GLU C 212 -21.13 -7.45 -42.41
N ASN C 213 -21.69 -7.03 -41.27
CA ASN C 213 -21.66 -7.81 -40.03
C ASN C 213 -23.05 -8.23 -39.49
N ASN C 214 -24.01 -8.52 -40.37
CA ASN C 214 -25.37 -8.88 -39.93
C ASN C 214 -25.51 -10.08 -38.98
N ALA C 215 -24.63 -11.08 -39.10
CA ALA C 215 -24.72 -12.26 -38.21
C ALA C 215 -24.36 -11.92 -36.76
N GLU C 216 -23.35 -11.07 -36.60
CA GLU C 216 -22.92 -10.58 -35.28
C GLU C 216 -24.04 -9.73 -34.72
N LEU C 217 -24.42 -8.72 -35.49
CA LEU C 217 -25.49 -7.83 -35.09
C LEU C 217 -26.79 -8.60 -34.79
N ASN C 218 -27.13 -9.60 -35.59
CA ASN C 218 -28.36 -10.36 -35.36
C ASN C 218 -28.34 -11.19 -34.07
N ASN C 219 -27.18 -11.77 -33.78
CA ASN C 219 -27.02 -12.60 -32.61
C ASN C 219 -27.12 -11.71 -31.38
N LEU C 220 -26.47 -10.55 -31.47
CA LEU C 220 -26.48 -9.53 -30.41
C LEU C 220 -27.92 -9.15 -30.09
N ALA C 221 -28.72 -8.85 -31.11
CA ALA C 221 -30.11 -8.50 -30.94
C ALA C 221 -30.87 -9.65 -30.26
N LYS C 222 -30.56 -10.88 -30.68
CA LYS C 222 -31.20 -12.08 -30.11
C LYS C 222 -30.90 -12.19 -28.62
N ALA C 223 -29.62 -12.11 -28.27
CA ALA C 223 -29.14 -12.19 -26.91
C ALA C 223 -29.80 -11.15 -25.99
N ALA C 224 -29.70 -9.87 -26.41
CA ALA C 224 -30.24 -8.74 -25.68
C ALA C 224 -31.75 -8.81 -25.46
N VAL C 225 -32.51 -9.30 -26.43
CA VAL C 225 -33.94 -9.37 -26.24
C VAL C 225 -34.31 -10.45 -25.21
N LYS C 226 -33.37 -11.38 -24.99
CA LYS C 226 -33.58 -12.47 -24.02
C LYS C 226 -33.30 -11.91 -22.62
N GLU C 227 -32.17 -11.20 -22.53
CA GLU C 227 -31.72 -10.52 -21.33
C GLU C 227 -32.89 -9.67 -20.80
N LEU C 228 -33.45 -8.85 -21.69
CA LEU C 228 -34.56 -7.99 -21.34
C LEU C 228 -35.83 -8.70 -20.79
N ALA C 229 -36.26 -9.80 -21.42
CA ALA C 229 -37.45 -10.54 -20.98
C ALA C 229 -37.34 -11.27 -19.63
N THR C 230 -36.14 -11.31 -19.05
CA THR C 230 -35.92 -11.98 -17.75
C THR C 230 -36.76 -11.42 -16.59
N LEU C 231 -36.68 -10.10 -16.40
CA LEU C 231 -37.40 -9.37 -15.37
C LEU C 231 -38.90 -9.61 -15.32
N TYR C 232 -39.60 -9.07 -16.30
CA TYR C 232 -41.05 -9.20 -16.34
C TYR C 232 -41.57 -10.12 -17.45
N GLY C 233 -40.65 -10.74 -18.18
CA GLY C 233 -41.07 -11.60 -19.26
C GLY C 233 -41.67 -10.85 -20.44
N THR C 234 -41.23 -9.60 -20.65
CA THR C 234 -41.73 -8.80 -21.77
C THR C 234 -41.02 -9.24 -23.06
N LYS C 235 -41.85 -9.62 -24.03
CA LYS C 235 -41.43 -10.12 -25.34
C LYS C 235 -41.05 -9.07 -26.39
N TYR C 236 -39.84 -9.21 -26.89
CA TYR C 236 -39.29 -8.31 -27.89
C TYR C 236 -38.87 -9.08 -29.14
N THR C 237 -39.12 -8.47 -30.30
CA THR C 237 -38.71 -9.05 -31.56
C THR C 237 -37.44 -8.29 -32.02
N TYR C 238 -36.84 -8.73 -33.12
CA TYR C 238 -35.63 -8.11 -33.66
C TYR C 238 -35.33 -8.60 -35.07
N GLY C 239 -34.45 -7.88 -35.77
CA GLY C 239 -34.05 -8.23 -37.12
C GLY C 239 -33.62 -6.98 -37.88
N PRO C 240 -33.30 -7.08 -39.19
CA PRO C 240 -32.88 -5.93 -40.00
C PRO C 240 -34.12 -5.08 -40.22
N GLY C 241 -33.96 -3.76 -40.11
CA GLY C 241 -35.10 -2.88 -40.28
C GLY C 241 -36.00 -3.11 -41.49
N ALA C 242 -35.38 -3.12 -42.68
CA ALA C 242 -36.11 -3.27 -43.94
C ALA C 242 -37.07 -4.44 -43.96
N THR C 243 -36.59 -5.63 -43.65
CA THR C 243 -37.49 -6.76 -43.67
C THR C 243 -38.39 -6.86 -42.42
N THR C 244 -37.84 -6.49 -41.27
CA THR C 244 -38.60 -6.59 -40.01
C THR C 244 -39.78 -5.60 -39.94
N ILE C 245 -39.53 -4.35 -40.32
CA ILE C 245 -40.59 -3.36 -40.30
C ILE C 245 -41.01 -3.14 -41.76
N TYR C 246 -40.24 -2.32 -42.48
CA TYR C 246 -40.45 -1.99 -43.89
C TYR C 246 -39.34 -1.06 -44.32
N PRO C 247 -39.13 -0.91 -45.64
CA PRO C 247 -38.07 -0.01 -46.11
C PRO C 247 -38.39 1.43 -45.75
N ALA C 248 -37.43 2.12 -45.14
CA ALA C 248 -37.61 3.52 -44.76
C ALA C 248 -36.20 4.14 -44.83
N ALA C 249 -36.02 5.15 -45.67
CA ALA C 249 -34.72 5.79 -45.87
C ALA C 249 -34.51 7.01 -44.97
N GLY C 250 -33.26 7.44 -44.86
CA GLY C 250 -32.96 8.61 -44.05
C GLY C 250 -32.93 8.43 -42.54
N GLY C 251 -32.80 7.20 -42.07
CA GLY C 251 -32.72 6.95 -40.64
C GLY C 251 -31.30 7.19 -40.12
N SER C 252 -31.17 7.57 -38.84
CA SER C 252 -29.85 7.80 -38.27
C SER C 252 -29.11 6.50 -38.00
N ASP C 253 -29.86 5.42 -37.70
CA ASP C 253 -29.20 4.14 -37.45
C ASP C 253 -28.37 3.72 -38.64
N ASP C 254 -28.95 3.77 -39.83
CA ASP C 254 -28.24 3.40 -41.07
C ASP C 254 -27.14 4.39 -41.40
N TRP C 255 -27.37 5.67 -41.10
CA TRP C 255 -26.39 6.71 -41.37
C TRP C 255 -25.16 6.53 -40.48
N ALA C 256 -25.40 6.29 -39.20
CA ALA C 256 -24.33 6.10 -38.24
C ALA C 256 -23.55 4.86 -38.68
N TYR C 257 -24.28 3.80 -39.03
CA TYR C 257 -23.65 2.56 -39.48
C TYR C 257 -22.71 2.86 -40.66
N ASP C 258 -23.24 3.57 -41.64
CA ASP C 258 -22.48 3.95 -42.82
C ASP C 258 -21.39 5.01 -42.54
N GLN C 259 -21.31 5.46 -41.29
CA GLN C 259 -20.25 6.39 -40.87
C GLN C 259 -19.07 5.56 -40.42
N GLY C 260 -19.37 4.29 -40.13
CA GLY C 260 -18.37 3.35 -39.66
C GLY C 260 -18.62 2.90 -38.23
N ILE C 261 -19.86 3.03 -37.78
CA ILE C 261 -20.21 2.61 -36.43
C ILE C 261 -20.85 1.25 -36.65
N LYS C 262 -20.05 0.22 -36.40
CA LYS C 262 -20.41 -1.16 -36.59
C LYS C 262 -21.61 -1.65 -35.80
N TYR C 263 -21.83 -1.05 -34.64
CA TYR C 263 -22.96 -1.41 -33.80
C TYR C 263 -23.89 -0.21 -33.79
N SER C 264 -25.09 -0.41 -34.34
CA SER C 264 -26.11 0.61 -34.45
C SER C 264 -27.47 -0.08 -34.32
N PHE C 265 -28.29 0.36 -33.36
CA PHE C 265 -29.60 -0.25 -33.14
C PHE C 265 -30.68 0.78 -32.85
N THR C 266 -31.92 0.43 -33.17
CA THR C 266 -33.08 1.28 -32.88
C THR C 266 -33.98 0.48 -31.94
N PHE C 267 -34.29 1.05 -30.78
CA PHE C 267 -35.13 0.37 -29.82
C PHE C 267 -36.58 0.86 -29.89
N GLU C 268 -37.50 -0.07 -29.74
CA GLU C 268 -38.93 0.21 -29.75
C GLU C 268 -39.41 -0.35 -28.44
N LEU C 269 -39.55 0.50 -27.44
CA LEU C 269 -40.00 0.04 -26.13
C LEU C 269 -41.52 -0.20 -26.08
N ARG C 270 -42.03 -0.48 -24.89
CA ARG C 270 -43.46 -0.75 -24.69
C ARG C 270 -44.38 0.37 -25.19
N ASP C 271 -45.63 0.03 -25.47
CA ASP C 271 -46.12 -1.34 -25.36
C ASP C 271 -46.23 -1.97 -26.76
N LYS C 272 -47.34 -2.62 -27.03
CA LYS C 272 -47.55 -3.24 -28.33
C LYS C 272 -48.77 -2.63 -28.97
N GLY C 273 -49.46 -1.74 -28.22
CA GLY C 273 -50.64 -1.11 -28.76
C GLY C 273 -51.79 -0.78 -27.83
N ARG C 274 -51.86 -1.37 -26.63
CA ARG C 274 -52.98 -1.07 -25.73
C ARG C 274 -53.02 0.43 -25.44
N TYR C 275 -51.93 0.90 -24.88
CA TYR C 275 -51.77 2.30 -24.55
C TYR C 275 -51.01 3.03 -25.66
N GLY C 276 -50.13 2.29 -26.33
CA GLY C 276 -49.38 2.86 -27.43
C GLY C 276 -48.35 3.86 -26.98
N PHE C 277 -48.43 5.07 -27.55
CA PHE C 277 -47.49 6.17 -27.22
C PHE C 277 -47.84 6.77 -25.86
N ILE C 278 -49.09 6.62 -25.46
CA ILE C 278 -49.55 7.15 -24.18
C ILE C 278 -49.37 6.09 -23.08
N LEU C 279 -48.14 5.56 -22.95
CA LEU C 279 -47.83 4.55 -21.94
C LEU C 279 -48.09 5.14 -20.56
N PRO C 280 -48.88 4.43 -19.73
CA PRO C 280 -49.16 4.95 -18.40
C PRO C 280 -47.88 5.16 -17.60
N GLU C 281 -47.85 6.29 -16.90
CA GLU C 281 -46.72 6.66 -16.07
C GLU C 281 -46.39 5.51 -15.10
N SER C 282 -47.46 4.85 -14.61
CA SER C 282 -47.30 3.72 -13.70
C SER C 282 -46.39 2.64 -14.28
N GLN C 283 -46.29 2.60 -15.61
CA GLN C 283 -45.42 1.61 -16.28
C GLN C 283 -43.99 2.09 -16.48
N ILE C 284 -43.73 3.36 -16.21
CA ILE C 284 -42.40 3.92 -16.42
C ILE C 284 -41.22 3.13 -15.89
N GLN C 285 -41.18 2.91 -14.58
CA GLN C 285 -40.08 2.19 -13.95
C GLN C 285 -39.68 0.83 -14.54
N ALA C 286 -40.65 -0.07 -14.57
CA ALA C 286 -40.46 -1.42 -15.10
C ALA C 286 -39.99 -1.41 -16.55
N THR C 287 -40.58 -0.52 -17.34
CA THR C 287 -40.24 -0.40 -18.76
C THR C 287 -38.77 -0.05 -18.92
N CYS C 288 -38.27 0.86 -18.07
CA CYS C 288 -36.86 1.27 -18.13
C CYS C 288 -35.93 0.24 -17.50
N GLU C 289 -36.43 -0.45 -16.47
CA GLU C 289 -35.65 -1.48 -15.78
C GLU C 289 -35.23 -2.62 -16.71
N GLU C 290 -36.18 -3.15 -17.49
CA GLU C 290 -35.90 -4.24 -18.44
C GLU C 290 -35.01 -3.73 -19.60
N THR C 291 -35.33 -2.54 -20.13
CA THR C 291 -34.56 -1.94 -21.21
C THR C 291 -33.10 -1.76 -20.81
N MET C 292 -32.86 -1.39 -19.55
CA MET C 292 -31.49 -1.23 -19.03
C MET C 292 -30.65 -2.52 -19.17
N LEU C 293 -31.31 -3.67 -18.97
CA LEU C 293 -30.65 -4.98 -19.06
C LEU C 293 -30.13 -5.18 -20.48
N ALA C 294 -31.00 -4.93 -21.44
CA ALA C 294 -30.70 -5.04 -22.87
C ALA C 294 -29.60 -4.05 -23.30
N ILE C 295 -29.62 -2.84 -22.73
CA ILE C 295 -28.64 -1.80 -23.06
C ILE C 295 -27.29 -2.18 -22.48
N LYS C 296 -27.32 -2.59 -21.22
CA LYS C 296 -26.12 -2.98 -20.50
C LYS C 296 -25.42 -4.16 -21.18
N TYR C 297 -26.21 -5.10 -21.71
CA TYR C 297 -25.66 -6.25 -22.42
C TYR C 297 -24.77 -5.77 -23.60
N VAL C 298 -25.37 -5.02 -24.52
CA VAL C 298 -24.70 -4.48 -25.70
C VAL C 298 -23.44 -3.71 -25.33
N THR C 299 -23.55 -2.86 -24.32
CA THR C 299 -22.43 -2.06 -23.84
C THR C 299 -21.31 -3.01 -23.43
N ASN C 300 -21.67 -4.06 -22.68
CA ASN C 300 -20.72 -5.07 -22.21
C ASN C 300 -20.04 -5.71 -23.44
N TYR C 301 -20.85 -5.98 -24.45
CA TYR C 301 -20.41 -6.57 -25.72
C TYR C 301 -19.42 -5.65 -26.46
N VAL C 302 -19.81 -4.39 -26.71
CA VAL C 302 -18.95 -3.43 -27.42
C VAL C 302 -17.59 -3.34 -26.72
N LEU C 303 -17.58 -3.44 -25.39
CA LEU C 303 -16.36 -3.41 -24.59
C LEU C 303 -15.35 -4.44 -25.06
N GLY C 304 -15.83 -5.67 -25.32
CA GLY C 304 -14.98 -6.72 -25.82
C GLY C 304 -14.61 -6.55 -27.30
N HIS C 305 -15.19 -5.54 -27.96
CA HIS C 305 -14.94 -5.26 -29.37
C HIS C 305 -14.53 -3.80 -29.58
ZN ZN D . 20.90 -4.24 28.23
S P20 E . 20.85 -6.56 28.00
C1 P20 E . 22.19 -7.09 29.07
C2 P20 E . 22.86 -8.38 28.52
C3 P20 E . 23.79 -8.98 29.53
C4 P20 E . 25.20 -8.75 29.46
C5 P20 E . 26.11 -9.31 30.37
C6 P20 E . 23.32 -9.82 30.57
C7 P20 E . 24.22 -10.39 31.51
C8 P20 E . 25.60 -10.14 31.41
N9 P20 E . 27.44 -9.09 30.30
C10 P20 E . 28.24 -9.38 29.22
N11 P20 E . 29.53 -9.06 29.33
N12 P20 E . 27.78 -9.95 28.11
C13 P20 E . 23.58 -8.14 27.24
O14 P20 E . 24.37 -7.15 27.08
O15 P20 E . 23.43 -8.93 26.28
CL16 P20 E . 21.69 -10.19 30.77
ZN ZN F . -0.14 -5.06 -3.90
S P20 G . -1.85 -4.55 -5.09
C1 P20 G . -1.07 -4.46 -6.72
C2 P20 G . -1.78 -3.46 -7.66
C3 P20 G . -1.28 -3.60 -9.07
C4 P20 G . -0.36 -2.68 -9.61
C5 P20 G . 0.11 -2.79 -10.94
C6 P20 G . -1.73 -4.64 -9.92
C7 P20 G . -1.26 -4.77 -11.26
C8 P20 G . -0.34 -3.85 -11.76
N9 P20 G . 0.96 -1.89 -11.46
C10 P20 G . 0.82 -0.55 -11.47
N11 P20 G . 1.82 0.13 -12.05
N12 P20 G . -0.24 0.11 -10.96
C13 P20 G . -1.66 -2.07 -7.15
O14 P20 G . -0.57 -1.56 -6.82
O15 P20 G . -2.65 -1.35 -7.05
CL16 P20 G . -2.87 -5.80 -9.37
ZN ZN H . -39.79 7.03 -33.19
S P20 I . -40.54 5.43 -34.59
C1 P20 I . -39.07 4.54 -35.08
C2 P20 I . -39.18 4.02 -36.54
C3 P20 I . -38.11 3.04 -36.86
C4 P20 I . -37.00 3.42 -37.64
C5 P20 I . -35.97 2.51 -37.98
C6 P20 I . -38.17 1.69 -36.40
C7 P20 I . -37.14 0.77 -36.73
C8 P20 I . -36.03 1.17 -37.51
N9 P20 I . -34.91 2.87 -38.73
C10 P20 I . -34.97 3.46 -39.94
N11 P20 I . -33.80 3.75 -40.49
N12 P20 I . -36.13 3.72 -40.58
C13 P20 I . -39.19 5.17 -37.50
O14 P20 I . -38.30 6.05 -37.49
O15 P20 I . -40.12 5.29 -38.33
CL16 P20 I . -39.45 1.10 -35.46
#